data_4FLX
#
_entry.id   4FLX
#
_cell.length_a   69.070
_cell.length_b   114.390
_cell.length_c   128.130
_cell.angle_alpha   90.00
_cell.angle_beta   90.00
_cell.angle_gamma   90.00
#
_symmetry.space_group_name_H-M   'P 21 21 21'
#
loop_
_entity.id
_entity.type
_entity.pdbx_description
1 polymer 'Template strand'
2 polymer 'Primer strand'
3 polymer 'DNA polymerase 1'
4 non-polymer 'MAGNESIUM ION'
5 non-polymer '2-(N-MORPHOLINO)-ETHANESULFONIC ACID'
6 non-polymer GLYCEROL
7 water water
#
loop_
_entity_poly.entity_id
_entity_poly.type
_entity_poly.pdbx_seq_one_letter_code
_entity_poly.pdbx_strand_id
1 'polydeoxyribonucleotide' (DG)(DI)(DG)(DT)(DA)(DC)(DG)(DT)(DG)(DA)(DT)(DC)(DG) T
2 'polydeoxyribonucleotide' (DC)(DG)(DA)(DT)(DC)(DA)(DC)(DG) P
3 'polypeptide(L)'
;MGSSHHHHHHSSGLVPAGSHAGMIIDADYITEDGKPIIRIFKKEKGEFKVEYDRTFRPYIYALLKDDSAIDEVKKITAER
HGKIVRITEVEKVQKKFLGRPIEVWKLYLEHPQDVPAIREKIREHPAVVDIFEYDIPFAKRYLIDKGLTPMEGNEELTFL
AVDIETLYHEGEEFGKGPIIMISYADEEGAKVITWKSIDLPYVEVVSSEREMIKRLVKVIREKDPDVIITYNGDNFAFPY
LLKRAEKLGIKLPLGRDNSEPKMQRMGDSLAVEIKGRIHFDLFPVIRRTINLPTYTLEAVYEAIFGKSKEKVYAHEIAEA
WETGKGLERVAKYSMEDAKVTFELGKEFFPMEAQLARLVGQPVWDVSRSSTGNLVEWFLLRKAYERNELAPNKPDEREYE
RRLRESYEGGYVKEPEKGLWEGIVSLDFRSLYPSIIITHNVSPDTLNRENCKEYDVAPQVGHRFCKDFPGFIPSLLGNLL
EERQKIKKRMKESKDPVEKKLLDYRQRAIKILANSYYGYYGYAKARWYCKECAESVTAWGRQYIDLVRRELESRGFKVLY
IDTDGLYATIPGAKHEEIKEKALKFVEYINSKLPGLLELEYEGFYARGFFVTKKKYALIDEEGKIVTRGLEIVRRDWSEI
AKETQAKVLEAILKHGNVDEAVKIVKEVTEKLSKYEIPPEKLVIYEQITRPLSEYKAIGPHVAVAKRLAAKGVKVKPGMV
IGYIVLRGDGPISKRAIAIEEFDPKKHKYDAEYYIENQVLPAVERILRAFGYRKEDLKYQKTKQVGLGAWLKF
;
A
#
# COMPACT_ATOMS: atom_id res chain seq x y z
N HIS C 20 0.29 -34.04 -9.22
CA HIS C 20 -0.02 -34.53 -7.89
C HIS C 20 0.26 -33.41 -6.89
N ALA C 21 -0.73 -32.50 -6.77
CA ALA C 21 -0.69 -31.34 -5.89
C ALA C 21 -2.07 -30.64 -5.79
N GLY C 22 -2.30 -30.06 -4.62
CA GLY C 22 -3.43 -29.20 -4.30
C GLY C 22 -3.04 -27.74 -4.47
N MET C 23 -3.67 -26.82 -3.73
CA MET C 23 -3.38 -25.38 -3.80
C MET C 23 -2.51 -24.87 -2.63
N ILE C 24 -1.33 -24.31 -2.95
CA ILE C 24 -0.39 -23.76 -1.95
C ILE C 24 -0.95 -22.41 -1.53
N ILE C 25 -1.14 -22.21 -0.21
CA ILE C 25 -1.69 -20.97 0.32
C ILE C 25 -0.62 -20.15 1.01
N ASP C 26 0.45 -20.80 1.51
CA ASP C 26 1.59 -20.17 2.18
C ASP C 26 2.71 -21.14 2.34
N ALA C 27 3.87 -20.64 2.76
CA ALA C 27 5.08 -21.39 3.06
C ALA C 27 5.88 -20.66 4.11
N ASP C 28 6.50 -21.41 5.00
CA ASP C 28 7.37 -20.86 6.04
C ASP C 28 8.43 -21.91 6.43
N TYR C 29 9.20 -21.65 7.48
CA TYR C 29 10.12 -22.65 8.01
C TYR C 29 10.11 -22.64 9.55
N ILE C 30 10.38 -23.81 10.14
CA ILE C 30 10.52 -24.05 11.57
C ILE C 30 11.92 -24.67 11.78
N THR C 31 12.47 -24.57 13.00
CA THR C 31 13.79 -25.10 13.27
C THR C 31 13.62 -26.28 14.17
N GLU C 32 14.34 -27.37 13.86
CA GLU C 32 14.26 -28.61 14.64
C GLU C 32 15.66 -29.16 14.68
N ASP C 33 16.20 -29.35 15.89
CA ASP C 33 17.57 -29.81 16.18
C ASP C 33 18.59 -28.84 15.53
N GLY C 34 18.23 -27.55 15.51
CA GLY C 34 19.02 -26.47 14.95
C GLY C 34 18.97 -26.39 13.44
N LYS C 35 18.24 -27.31 12.79
CA LYS C 35 18.15 -27.41 11.33
C LYS C 35 16.80 -26.94 10.79
N PRO C 36 16.79 -26.23 9.64
CA PRO C 36 15.51 -25.70 9.12
C PRO C 36 14.68 -26.75 8.38
N ILE C 37 13.36 -26.70 8.60
CA ILE C 37 12.36 -27.54 7.95
C ILE C 37 11.38 -26.62 7.28
N ILE C 38 11.23 -26.73 5.98
CA ILE C 38 10.28 -25.90 5.24
C ILE C 38 8.87 -26.50 5.41
N ARG C 39 7.86 -25.66 5.69
CA ARG C 39 6.46 -26.07 5.75
C ARG C 39 5.68 -25.44 4.60
N ILE C 40 4.98 -26.27 3.79
CA ILE C 40 4.15 -25.80 2.69
C ILE C 40 2.72 -26.07 3.09
N PHE C 41 1.92 -25.01 3.25
CA PHE C 41 0.51 -25.11 3.66
C PHE C 41 -0.38 -25.20 2.44
N LYS C 42 -1.15 -26.28 2.37
CA LYS C 42 -1.96 -26.59 1.20
C LYS C 42 -3.43 -26.82 1.52
N LYS C 43 -4.30 -26.59 0.52
CA LYS C 43 -5.73 -26.88 0.56
C LYS C 43 -5.96 -27.86 -0.61
N GLU C 44 -6.31 -29.11 -0.27
CA GLU C 44 -6.43 -30.21 -1.20
C GLU C 44 -7.82 -30.81 -1.07
N LYS C 45 -8.69 -30.56 -2.09
CA LYS C 45 -10.07 -31.05 -2.17
C LYS C 45 -10.79 -30.82 -0.81
N GLY C 46 -10.79 -29.56 -0.39
CA GLY C 46 -11.40 -29.10 0.85
C GLY C 46 -10.65 -29.38 2.13
N GLU C 47 -9.51 -30.08 2.08
CA GLU C 47 -8.77 -30.46 3.29
C GLU C 47 -7.45 -29.72 3.46
N PHE C 48 -7.14 -29.34 4.73
CA PHE C 48 -5.89 -28.68 5.11
C PHE C 48 -4.78 -29.73 5.16
N LYS C 49 -3.70 -29.51 4.40
CA LYS C 49 -2.55 -30.43 4.34
C LYS C 49 -1.27 -29.63 4.55
N VAL C 50 -0.32 -30.15 5.34
CA VAL C 50 0.96 -29.48 5.55
C VAL C 50 2.09 -30.44 5.10
N GLU C 51 2.88 -30.02 4.11
CA GLU C 51 3.99 -30.80 3.61
C GLU C 51 5.28 -30.29 4.25
N TYR C 52 6.21 -31.21 4.61
CA TYR C 52 7.48 -30.86 5.24
C TYR C 52 8.67 -31.23 4.38
N ASP C 53 9.62 -30.29 4.22
CA ASP C 53 10.87 -30.50 3.47
C ASP C 53 12.07 -30.17 4.36
N ARG C 54 12.95 -31.14 4.57
CA ARG C 54 14.15 -31.01 5.42
C ARG C 54 15.43 -30.87 4.58
N THR C 55 15.35 -31.07 3.24
CA THR C 55 16.48 -31.12 2.31
C THR C 55 16.92 -29.78 1.69
N PHE C 56 16.07 -28.73 1.71
CA PHE C 56 16.48 -27.48 1.08
C PHE C 56 17.51 -26.74 1.93
N ARG C 57 18.58 -26.26 1.27
CA ARG C 57 19.67 -25.57 1.93
C ARG C 57 19.76 -24.08 1.56
N PRO C 58 20.02 -23.21 2.56
CA PRO C 58 20.23 -21.79 2.26
C PRO C 58 21.58 -21.58 1.55
N TYR C 59 21.68 -20.53 0.73
CA TYR C 59 22.91 -20.22 0.00
C TYR C 59 22.97 -18.76 -0.45
N ILE C 60 24.18 -18.32 -0.83
CA ILE C 60 24.45 -17.02 -1.41
C ILE C 60 25.42 -17.28 -2.55
N TYR C 61 25.72 -16.25 -3.36
CA TYR C 61 26.70 -16.38 -4.42
C TYR C 61 27.84 -15.44 -4.16
N ALA C 62 29.05 -15.85 -4.52
CA ALA C 62 30.22 -15.00 -4.41
C ALA C 62 30.97 -14.99 -5.72
N LEU C 63 31.27 -13.78 -6.21
CA LEU C 63 32.07 -13.56 -7.41
C LEU C 63 33.47 -13.34 -6.93
N LEU C 64 34.39 -14.25 -7.32
CA LEU C 64 35.78 -14.18 -6.86
C LEU C 64 36.73 -13.61 -7.95
N LYS C 65 37.89 -13.07 -7.54
CA LYS C 65 38.89 -12.51 -8.45
C LYS C 65 39.53 -13.61 -9.25
N ASP C 66 39.64 -14.82 -8.66
CA ASP C 66 40.21 -16.03 -9.25
C ASP C 66 39.67 -17.31 -8.54
N ASP C 67 39.54 -18.43 -9.29
CA ASP C 67 39.08 -19.71 -8.77
C ASP C 67 39.95 -20.21 -7.61
N SER C 68 41.27 -19.95 -7.63
CA SER C 68 42.22 -20.35 -6.58
C SER C 68 41.77 -19.89 -5.16
N ALA C 69 41.16 -18.69 -5.08
CA ALA C 69 40.66 -18.02 -3.88
C ALA C 69 39.60 -18.83 -3.10
N ILE C 70 38.86 -19.77 -3.76
CA ILE C 70 37.80 -20.54 -3.11
C ILE C 70 38.33 -21.29 -1.89
N ASP C 71 39.57 -21.72 -1.90
CA ASP C 71 40.19 -22.44 -0.80
C ASP C 71 40.25 -21.57 0.49
N GLU C 72 40.47 -20.24 0.34
CA GLU C 72 40.50 -19.27 1.45
C GLU C 72 39.09 -18.84 1.81
N VAL C 73 38.26 -18.58 0.80
CA VAL C 73 36.87 -18.13 0.95
C VAL C 73 35.99 -19.18 1.65
N LYS C 74 36.09 -20.48 1.30
CA LYS C 74 35.26 -21.55 1.89
C LYS C 74 35.55 -21.74 3.40
N LYS C 75 36.70 -21.22 3.88
CA LYS C 75 37.16 -21.35 5.27
C LYS C 75 36.68 -20.19 6.17
N ILE C 76 35.93 -19.20 5.62
CA ILE C 76 35.35 -18.06 6.36
C ILE C 76 34.30 -18.59 7.36
N THR C 77 34.31 -18.00 8.56
CA THR C 77 33.49 -18.38 9.72
C THR C 77 32.75 -17.16 10.30
N ALA C 78 31.65 -17.42 11.03
CA ALA C 78 30.85 -16.44 11.76
C ALA C 78 30.39 -17.07 13.08
N GLU C 79 29.57 -16.36 13.88
CA GLU C 79 29.02 -16.86 15.14
C GLU C 79 27.52 -16.52 15.22
N ARG C 80 26.74 -17.41 15.85
CA ARG C 80 25.29 -17.28 16.05
C ARG C 80 24.81 -18.36 17.03
N HIS C 81 23.99 -17.95 18.03
CA HIS C 81 23.37 -18.84 19.03
C HIS C 81 24.44 -19.65 19.79
N GLY C 82 25.53 -18.98 20.18
CA GLY C 82 26.63 -19.63 20.90
C GLY C 82 27.53 -20.53 20.07
N LYS C 83 27.06 -20.96 18.88
CA LYS C 83 27.79 -21.83 17.98
C LYS C 83 28.41 -21.02 16.80
N ILE C 84 29.56 -21.50 16.25
CA ILE C 84 30.20 -20.87 15.08
C ILE C 84 29.45 -21.33 13.82
N VAL C 85 29.48 -20.50 12.77
CA VAL C 85 28.78 -20.75 11.52
C VAL C 85 29.83 -20.95 10.43
N ARG C 86 29.64 -21.97 9.57
CA ARG C 86 30.54 -22.29 8.47
C ARG C 86 29.83 -22.39 7.17
N ILE C 87 30.58 -22.26 6.07
CA ILE C 87 30.11 -22.50 4.72
C ILE C 87 30.12 -24.04 4.59
N THR C 88 28.94 -24.64 4.44
CA THR C 88 28.72 -26.08 4.43
C THR C 88 29.35 -26.73 3.21
N GLU C 89 29.05 -26.24 2.02
CA GLU C 89 29.56 -26.75 0.75
C GLU C 89 29.70 -25.57 -0.22
N VAL C 90 30.60 -25.68 -1.21
CA VAL C 90 30.82 -24.68 -2.26
C VAL C 90 30.68 -25.35 -3.65
N GLU C 91 30.04 -24.65 -4.60
CA GLU C 91 29.78 -25.17 -5.94
C GLU C 91 30.02 -24.09 -7.00
N LYS C 92 30.84 -24.41 -8.01
CA LYS C 92 31.11 -23.45 -9.09
C LYS C 92 29.95 -23.52 -10.08
N VAL C 93 29.32 -22.38 -10.36
CA VAL C 93 28.18 -22.33 -11.27
C VAL C 93 28.39 -21.26 -12.34
N GLN C 94 27.83 -21.50 -13.53
CA GLN C 94 27.86 -20.60 -14.65
C GLN C 94 26.46 -19.97 -14.77
N LYS C 95 26.40 -18.63 -14.72
CA LYS C 95 25.16 -17.89 -14.79
C LYS C 95 25.29 -16.73 -15.75
N LYS C 96 24.22 -15.91 -15.86
CA LYS C 96 24.18 -14.70 -16.66
C LYS C 96 24.03 -13.50 -15.73
N PHE C 97 24.88 -12.49 -15.91
CA PHE C 97 24.81 -11.25 -15.18
C PHE C 97 25.03 -10.09 -16.12
N LEU C 98 24.11 -9.09 -16.07
CA LEU C 98 24.20 -7.92 -16.95
C LEU C 98 24.22 -8.38 -18.40
N GLY C 99 23.42 -9.40 -18.75
CA GLY C 99 23.43 -9.94 -20.11
C GLY C 99 24.78 -10.49 -20.57
N ARG C 100 25.56 -11.04 -19.61
CA ARG C 100 26.89 -11.61 -19.88
C ARG C 100 27.12 -12.90 -19.10
N PRO C 101 27.80 -13.93 -19.68
CA PRO C 101 28.11 -15.14 -18.90
C PRO C 101 29.03 -14.78 -17.72
N ILE C 102 28.79 -15.38 -16.57
CA ILE C 102 29.59 -15.11 -15.38
C ILE C 102 29.79 -16.40 -14.58
N GLU C 103 30.95 -16.54 -13.96
CA GLU C 103 31.19 -17.68 -13.10
C GLU C 103 31.22 -17.20 -11.63
N VAL C 104 30.30 -17.74 -10.85
CA VAL C 104 30.17 -17.42 -9.44
C VAL C 104 30.18 -18.75 -8.61
N TRP C 105 30.42 -18.63 -7.31
CA TRP C 105 30.42 -19.77 -6.43
C TRP C 105 29.20 -19.69 -5.55
N LYS C 106 28.44 -20.79 -5.54
CA LYS C 106 27.27 -20.97 -4.69
C LYS C 106 27.83 -21.45 -3.34
N LEU C 107 27.60 -20.66 -2.29
CA LEU C 107 28.08 -20.92 -0.94
C LEU C 107 26.90 -21.37 -0.11
N TYR C 108 26.87 -22.66 0.27
CA TYR C 108 25.79 -23.27 1.08
C TYR C 108 25.98 -23.08 2.58
N LEU C 109 24.88 -22.92 3.34
CA LEU C 109 24.90 -22.73 4.80
C LEU C 109 23.93 -23.69 5.45
N GLU C 110 24.03 -23.91 6.77
CA GLU C 110 23.14 -24.88 7.39
C GLU C 110 21.76 -24.30 7.67
N HIS C 111 21.72 -23.08 8.24
CA HIS C 111 20.48 -22.40 8.64
C HIS C 111 20.30 -21.04 7.96
N PRO C 112 19.08 -20.61 7.56
CA PRO C 112 18.94 -19.29 6.92
C PRO C 112 19.40 -18.12 7.82
N GLN C 113 19.32 -18.27 9.17
CA GLN C 113 19.79 -17.22 10.08
C GLN C 113 21.34 -17.09 10.05
N ASP C 114 22.03 -18.02 9.35
CA ASP C 114 23.46 -18.02 9.16
C ASP C 114 23.85 -16.94 8.15
N VAL C 115 22.99 -16.72 7.12
CA VAL C 115 23.25 -15.78 6.03
C VAL C 115 23.51 -14.35 6.60
N PRO C 116 22.62 -13.70 7.40
CA PRO C 116 22.96 -12.35 7.88
C PRO C 116 24.18 -12.32 8.83
N ALA C 117 24.55 -13.46 9.43
CA ALA C 117 25.70 -13.59 10.32
C ALA C 117 27.01 -13.64 9.55
N ILE C 118 27.03 -14.33 8.39
CA ILE C 118 28.26 -14.54 7.63
C ILE C 118 28.41 -13.67 6.37
N ARG C 119 27.29 -13.24 5.67
CA ARG C 119 27.38 -12.49 4.39
C ARG C 119 28.43 -11.31 4.37
N GLU C 120 28.49 -10.47 5.43
CA GLU C 120 29.44 -9.35 5.45
C GLU C 120 30.87 -9.83 5.65
N LYS C 121 31.08 -10.99 6.32
CA LYS C 121 32.41 -11.55 6.48
C LYS C 121 32.90 -12.03 5.10
N ILE C 122 31.99 -12.56 4.27
CA ILE C 122 32.37 -13.02 2.94
C ILE C 122 32.62 -11.76 2.06
N ARG C 123 31.70 -10.78 2.09
CA ARG C 123 31.87 -9.56 1.29
C ARG C 123 33.20 -8.81 1.60
N GLU C 124 33.60 -8.74 2.90
CA GLU C 124 34.83 -8.13 3.42
C GLU C 124 36.08 -8.60 2.73
N HIS C 125 36.13 -9.92 2.41
CA HIS C 125 37.30 -10.63 1.88
C HIS C 125 37.96 -9.98 0.66
N PRO C 126 39.30 -9.85 0.65
CA PRO C 126 39.98 -9.20 -0.49
C PRO C 126 39.79 -9.89 -1.85
N ALA C 127 39.53 -11.21 -1.86
CA ALA C 127 39.38 -12.01 -3.08
C ALA C 127 37.93 -12.08 -3.59
N VAL C 128 36.98 -11.47 -2.85
CA VAL C 128 35.55 -11.46 -3.19
C VAL C 128 35.25 -10.13 -3.85
N VAL C 129 34.85 -10.20 -5.15
CA VAL C 129 34.56 -9.01 -5.93
C VAL C 129 33.20 -8.45 -5.45
N ASP C 130 32.21 -9.35 -5.27
CA ASP C 130 30.89 -8.99 -4.81
C ASP C 130 30.12 -10.29 -4.44
N ILE C 131 29.08 -10.15 -3.61
CA ILE C 131 28.17 -11.23 -3.20
C ILE C 131 26.79 -10.94 -3.77
N PHE C 132 25.96 -11.97 -3.95
CA PHE C 132 24.63 -11.81 -4.55
C PHE C 132 23.60 -12.71 -3.90
N GLU C 133 22.31 -12.34 -4.05
CA GLU C 133 21.14 -13.09 -3.54
C GLU C 133 21.35 -13.51 -2.11
N TYR C 134 21.61 -12.52 -1.24
CA TYR C 134 21.90 -12.73 0.18
C TYR C 134 20.80 -12.20 1.16
N ASP C 135 19.71 -11.61 0.65
CA ASP C 135 18.63 -11.04 1.48
C ASP C 135 17.25 -11.59 1.07
N ILE C 136 17.20 -12.79 0.53
CA ILE C 136 15.92 -13.37 0.11
C ILE C 136 15.38 -14.24 1.27
N PRO C 137 14.22 -13.93 1.90
CA PRO C 137 13.71 -14.80 2.97
C PRO C 137 13.68 -16.26 2.54
N PHE C 138 14.10 -17.17 3.43
CA PHE C 138 14.26 -18.60 3.14
C PHE C 138 13.03 -19.27 2.49
N ALA C 139 11.81 -19.02 3.00
CA ALA C 139 10.60 -19.64 2.46
C ALA C 139 10.25 -19.13 1.04
N LYS C 140 10.67 -17.88 0.69
CA LYS C 140 10.46 -17.28 -0.63
C LYS C 140 11.53 -17.81 -1.60
N ARG C 141 12.76 -18.06 -1.09
CA ARG C 141 13.87 -18.72 -1.79
C ARG C 141 13.40 -20.12 -2.20
N TYR C 142 12.75 -20.85 -1.27
CA TYR C 142 12.22 -22.19 -1.48
C TYR C 142 11.19 -22.19 -2.59
N LEU C 143 10.16 -21.32 -2.48
CA LEU C 143 9.08 -21.23 -3.47
C LEU C 143 9.62 -21.02 -4.89
N ILE C 144 10.60 -20.08 -5.04
CA ILE C 144 11.22 -19.76 -6.32
C ILE C 144 12.00 -20.95 -6.85
N ASP C 145 13.00 -21.43 -6.09
CA ASP C 145 13.91 -22.50 -6.50
C ASP C 145 13.23 -23.86 -6.79
N LYS C 146 12.12 -24.15 -6.06
CA LYS C 146 11.40 -25.39 -6.23
C LYS C 146 10.36 -25.27 -7.34
N GLY C 147 10.21 -24.05 -7.89
CA GLY C 147 9.24 -23.72 -8.94
C GLY C 147 7.81 -23.91 -8.47
N LEU C 148 7.55 -23.50 -7.21
CA LEU C 148 6.23 -23.61 -6.60
C LEU C 148 5.51 -22.26 -6.69
N THR C 149 4.24 -22.29 -7.13
CA THR C 149 3.39 -21.12 -7.30
C THR C 149 2.15 -21.20 -6.41
N PRO C 150 1.95 -20.24 -5.49
CA PRO C 150 0.75 -20.27 -4.66
C PRO C 150 -0.51 -19.97 -5.44
N MET C 151 -1.67 -20.33 -4.87
CA MET C 151 -3.03 -20.03 -5.33
C MET C 151 -3.35 -20.58 -6.74
N GLU C 152 -2.78 -21.76 -7.12
CA GLU C 152 -3.05 -22.41 -8.41
C GLU C 152 -4.20 -23.41 -8.27
N GLY C 153 -5.09 -23.39 -9.26
CA GLY C 153 -6.26 -24.28 -9.26
C GLY C 153 -7.58 -23.62 -8.92
N ASN C 154 -8.63 -24.45 -8.80
CA ASN C 154 -9.99 -24.01 -8.55
C ASN C 154 -10.41 -24.24 -7.07
N GLU C 155 -9.45 -24.65 -6.20
CA GLU C 155 -9.67 -24.91 -4.78
C GLU C 155 -10.45 -23.77 -4.16
N GLU C 156 -11.56 -24.11 -3.49
CA GLU C 156 -12.46 -23.15 -2.86
C GLU C 156 -12.12 -23.00 -1.38
N LEU C 157 -11.64 -21.82 -1.02
CA LEU C 157 -11.26 -21.47 0.35
C LEU C 157 -12.46 -21.03 1.19
N THR C 158 -12.31 -21.13 2.51
CA THR C 158 -13.32 -20.68 3.48
C THR C 158 -12.83 -19.39 4.08
N PHE C 159 -13.77 -18.49 4.44
CA PHE C 159 -13.45 -17.18 4.96
C PHE C 159 -14.22 -16.86 6.22
N LEU C 160 -13.61 -16.02 7.08
CA LEU C 160 -14.24 -15.52 8.30
C LEU C 160 -13.78 -14.10 8.55
N ALA C 161 -14.74 -13.17 8.69
CA ALA C 161 -14.38 -11.79 9.06
C ALA C 161 -14.39 -11.68 10.55
N VAL C 162 -13.40 -10.99 11.15
CA VAL C 162 -13.27 -10.81 12.61
C VAL C 162 -13.07 -9.33 12.93
N ASP C 163 -13.75 -8.82 13.95
CA ASP C 163 -13.60 -7.42 14.35
C ASP C 163 -13.77 -7.37 15.85
N ILE C 164 -13.32 -6.26 16.50
CA ILE C 164 -13.47 -6.05 17.94
C ILE C 164 -13.89 -4.59 18.21
N GLU C 165 -14.57 -4.34 19.33
CA GLU C 165 -14.86 -2.99 19.83
C GLU C 165 -14.25 -2.91 21.23
N THR C 166 -13.56 -1.81 21.53
CA THR C 166 -12.88 -1.60 22.82
C THR C 166 -13.45 -0.40 23.55
N LEU C 167 -13.24 -0.37 24.89
CA LEU C 167 -13.61 0.75 25.74
C LEU C 167 -12.45 1.75 25.72
N TYR C 168 -12.65 2.92 25.09
CA TYR C 168 -11.60 3.93 24.97
C TYR C 168 -11.99 5.28 25.57
N HIS C 169 -11.03 5.91 26.24
CA HIS C 169 -11.11 7.22 26.87
C HIS C 169 -9.94 8.02 26.36
N GLU C 170 -10.10 9.35 26.24
CA GLU C 170 -9.11 10.22 25.61
C GLU C 170 -7.66 10.10 26.14
N GLY C 171 -6.79 9.74 25.20
CA GLY C 171 -5.33 9.64 25.36
C GLY C 171 -4.81 8.54 26.26
N GLU C 172 -5.57 7.44 26.38
CA GLU C 172 -5.24 6.23 27.15
C GLU C 172 -4.09 5.45 26.47
N GLU C 173 -3.35 4.63 27.26
CA GLU C 173 -2.26 3.79 26.77
C GLU C 173 -2.87 2.64 25.99
N PHE C 174 -2.24 2.22 24.88
CA PHE C 174 -2.78 1.12 24.06
C PHE C 174 -3.04 -0.14 24.94
N GLY C 175 -4.30 -0.60 24.96
CA GLY C 175 -4.71 -1.76 25.73
C GLY C 175 -5.16 -1.53 27.15
N LYS C 176 -5.28 -0.27 27.63
CA LYS C 176 -5.74 -0.03 29.01
C LYS C 176 -7.19 -0.46 29.15
N GLY C 177 -8.01 -0.02 28.22
CA GLY C 177 -9.43 -0.35 28.19
C GLY C 177 -9.69 -1.77 27.74
N PRO C 178 -10.70 -2.45 28.30
CA PRO C 178 -10.96 -3.82 27.87
C PRO C 178 -11.58 -3.89 26.47
N ILE C 179 -11.59 -5.10 25.88
CA ILE C 179 -12.32 -5.35 24.64
C ILE C 179 -13.74 -5.56 25.14
N ILE C 180 -14.73 -4.92 24.55
CA ILE C 180 -16.10 -5.03 25.07
C ILE C 180 -17.00 -5.84 24.13
N MET C 181 -16.61 -5.95 22.86
CA MET C 181 -17.31 -6.77 21.88
C MET C 181 -16.32 -7.36 20.92
N ILE C 182 -16.64 -8.57 20.46
CA ILE C 182 -15.91 -9.25 19.39
C ILE C 182 -16.99 -9.65 18.38
N SER C 183 -16.82 -9.29 17.13
CA SER C 183 -17.76 -9.68 16.10
C SER C 183 -17.03 -10.48 15.02
N TYR C 184 -17.79 -11.36 14.37
CA TYR C 184 -17.35 -12.21 13.28
C TYR C 184 -18.50 -12.43 12.32
N ALA C 185 -18.17 -12.71 11.08
CA ALA C 185 -19.17 -12.94 10.06
C ALA C 185 -18.64 -13.90 9.01
N ASP C 186 -19.55 -14.68 8.44
CA ASP C 186 -19.31 -15.56 7.32
C ASP C 186 -20.63 -15.74 6.56
N GLU C 187 -20.74 -16.79 5.73
CA GLU C 187 -21.93 -16.98 4.90
C GLU C 187 -23.13 -17.36 5.76
N GLU C 188 -22.86 -17.87 6.98
CA GLU C 188 -23.87 -18.26 7.97
C GLU C 188 -24.46 -17.03 8.72
N GLY C 189 -23.86 -15.86 8.56
CA GLY C 189 -24.31 -14.65 9.22
C GLY C 189 -23.27 -13.97 10.10
N ALA C 190 -23.64 -12.77 10.61
CA ALA C 190 -22.79 -11.93 11.46
C ALA C 190 -23.22 -12.05 12.91
N LYS C 191 -22.22 -12.23 13.82
CA LYS C 191 -22.44 -12.46 15.24
C LYS C 191 -21.60 -11.54 16.10
N VAL C 192 -22.03 -11.30 17.34
CA VAL C 192 -21.34 -10.47 18.34
C VAL C 192 -21.20 -11.30 19.65
N ILE C 193 -20.00 -11.24 20.25
CA ILE C 193 -19.73 -11.81 21.57
C ILE C 193 -19.48 -10.61 22.49
N THR C 194 -20.21 -10.53 23.64
CA THR C 194 -20.04 -9.41 24.56
C THR C 194 -20.21 -9.92 25.98
N TRP C 195 -19.83 -9.12 26.99
CA TRP C 195 -19.91 -9.57 28.37
C TRP C 195 -20.78 -8.69 29.27
N LYS C 196 -21.80 -8.08 28.65
CA LYS C 196 -22.89 -7.29 29.23
C LYS C 196 -24.18 -7.70 28.50
N SER C 197 -25.29 -7.76 29.24
CA SER C 197 -26.59 -8.21 28.74
C SER C 197 -27.19 -7.26 27.65
N ILE C 198 -27.34 -7.82 26.44
CA ILE C 198 -27.91 -7.14 25.26
C ILE C 198 -28.89 -8.13 24.61
N ASP C 199 -30.16 -7.75 24.51
CA ASP C 199 -31.13 -8.69 23.96
C ASP C 199 -31.33 -8.52 22.43
N LEU C 200 -30.42 -9.17 21.67
CA LEU C 200 -30.48 -9.19 20.21
C LEU C 200 -30.24 -10.64 19.69
N PRO C 201 -30.87 -11.05 18.55
CA PRO C 201 -30.72 -12.44 18.10
C PRO C 201 -29.28 -12.83 17.77
N TYR C 202 -28.45 -11.88 17.35
CA TYR C 202 -27.07 -12.15 16.94
C TYR C 202 -26.07 -11.87 18.05
N VAL C 203 -26.51 -11.61 19.28
CA VAL C 203 -25.57 -11.31 20.40
C VAL C 203 -25.47 -12.53 21.35
N GLU C 204 -24.19 -12.98 21.60
CA GLU C 204 -23.85 -14.05 22.55
C GLU C 204 -23.32 -13.36 23.78
N VAL C 205 -24.00 -13.52 24.92
CA VAL C 205 -23.58 -12.85 26.14
C VAL C 205 -22.79 -13.82 27.01
N VAL C 206 -21.55 -13.46 27.32
CA VAL C 206 -20.66 -14.28 28.16
C VAL C 206 -20.41 -13.49 29.47
N SER C 207 -19.67 -14.08 30.42
CA SER C 207 -19.49 -13.47 31.75
C SER C 207 -18.38 -12.42 31.87
N SER C 208 -17.35 -12.48 31.03
CA SER C 208 -16.19 -11.61 31.16
C SER C 208 -15.48 -11.37 29.86
N GLU C 209 -14.50 -10.43 29.88
CA GLU C 209 -13.65 -10.16 28.72
C GLU C 209 -12.87 -11.40 28.41
N ARG C 210 -12.39 -12.11 29.47
CA ARG C 210 -11.63 -13.35 29.36
C ARG C 210 -12.44 -14.41 28.66
N GLU C 211 -13.72 -14.61 29.04
CA GLU C 211 -14.56 -15.63 28.41
C GLU C 211 -14.93 -15.28 26.95
N MET C 212 -15.06 -13.98 26.62
CA MET C 212 -15.35 -13.49 25.28
C MET C 212 -14.16 -13.79 24.34
N ILE C 213 -12.90 -13.54 24.81
CA ILE C 213 -11.70 -13.79 24.03
C ILE C 213 -11.53 -15.32 23.79
N LYS C 214 -11.83 -16.14 24.82
CA LYS C 214 -11.80 -17.60 24.75
C LYS C 214 -12.85 -18.14 23.72
N ARG C 215 -14.02 -17.48 23.63
CA ARG C 215 -15.10 -17.79 22.69
C ARG C 215 -14.65 -17.51 21.25
N LEU C 216 -13.92 -16.39 20.99
CA LEU C 216 -13.39 -16.06 19.67
C LEU C 216 -12.42 -17.14 19.24
N VAL C 217 -11.52 -17.55 20.16
CA VAL C 217 -10.56 -18.64 19.93
C VAL C 217 -11.33 -19.89 19.52
N LYS C 218 -12.43 -20.24 20.22
CA LYS C 218 -13.28 -21.41 19.95
C LYS C 218 -13.99 -21.32 18.59
N VAL C 219 -14.50 -20.13 18.22
CA VAL C 219 -15.18 -19.91 16.94
C VAL C 219 -14.16 -20.13 15.78
N ILE C 220 -12.96 -19.57 15.89
CA ILE C 220 -11.91 -19.66 14.87
C ILE C 220 -11.43 -21.11 14.73
N ARG C 221 -11.21 -21.82 15.84
CA ARG C 221 -10.74 -23.22 15.78
C ARG C 221 -11.79 -24.13 15.17
N GLU C 222 -13.08 -23.88 15.48
CA GLU C 222 -14.21 -24.69 15.00
C GLU C 222 -14.56 -24.41 13.56
N LYS C 223 -14.61 -23.13 13.15
CA LYS C 223 -14.94 -22.79 11.78
C LYS C 223 -13.77 -23.13 10.87
N ASP C 224 -12.54 -23.14 11.43
CA ASP C 224 -11.27 -23.42 10.77
C ASP C 224 -11.19 -22.67 9.41
N PRO C 225 -11.35 -21.32 9.37
CA PRO C 225 -11.29 -20.64 8.08
C PRO C 225 -9.92 -20.64 7.49
N ASP C 226 -9.85 -20.70 6.17
CA ASP C 226 -8.58 -20.62 5.48
C ASP C 226 -8.11 -19.15 5.49
N VAL C 227 -9.08 -18.23 5.42
CA VAL C 227 -8.80 -16.80 5.38
C VAL C 227 -9.50 -16.05 6.52
N ILE C 228 -8.73 -15.30 7.29
CA ILE C 228 -9.29 -14.43 8.31
C ILE C 228 -9.19 -12.99 7.79
N ILE C 229 -10.35 -12.38 7.52
CA ILE C 229 -10.49 -11.02 7.04
C ILE C 229 -10.67 -10.05 8.20
N THR C 230 -9.85 -9.00 8.21
CA THR C 230 -9.95 -7.89 9.15
C THR C 230 -9.86 -6.59 8.40
N TYR C 231 -10.26 -5.54 9.05
CA TYR C 231 -10.12 -4.19 8.61
C TYR C 231 -9.16 -3.56 9.63
N ASN C 232 -7.90 -3.44 9.21
CA ASN C 232 -6.79 -2.91 10.00
C ASN C 232 -6.48 -3.82 11.23
N GLY C 233 -6.56 -5.13 11.03
CA GLY C 233 -6.30 -6.11 12.08
C GLY C 233 -4.83 -6.25 12.39
N ASP C 234 -3.99 -5.79 11.47
CA ASP C 234 -2.54 -5.79 11.60
C ASP C 234 -2.12 -4.81 12.72
N ASN C 235 -2.83 -3.65 12.82
CA ASN C 235 -2.47 -2.60 13.76
C ASN C 235 -3.43 -2.43 14.89
N PHE C 236 -4.69 -2.85 14.72
CA PHE C 236 -5.63 -2.69 15.82
C PHE C 236 -6.09 -4.05 16.42
N ALA C 237 -7.02 -4.77 15.78
CA ALA C 237 -7.64 -5.96 16.35
C ALA C 237 -6.68 -6.96 16.94
N PHE C 238 -5.69 -7.46 16.16
CA PHE C 238 -4.82 -8.52 16.68
C PHE C 238 -3.80 -7.99 17.70
N PRO C 239 -3.08 -6.83 17.51
CA PRO C 239 -2.22 -6.33 18.61
C PRO C 239 -2.97 -6.13 19.94
N TYR C 240 -4.24 -5.63 19.87
CA TYR C 240 -5.08 -5.38 21.02
C TYR C 240 -5.50 -6.67 21.67
N LEU C 241 -5.93 -7.68 20.86
CA LEU C 241 -6.32 -9.02 21.35
C LEU C 241 -5.16 -9.64 22.07
N LEU C 242 -3.97 -9.54 21.50
CA LEU C 242 -2.73 -10.08 22.09
C LEU C 242 -2.36 -9.35 23.38
N LYS C 243 -2.57 -8.03 23.45
CA LYS C 243 -2.28 -7.22 24.64
C LYS C 243 -3.22 -7.64 25.76
N ARG C 244 -4.55 -7.73 25.47
CA ARG C 244 -5.57 -8.10 26.46
C ARG C 244 -5.43 -9.55 26.88
N ALA C 245 -5.12 -10.45 25.95
CA ALA C 245 -4.84 -11.86 26.24
C ALA C 245 -3.67 -11.98 27.19
N GLU C 246 -2.61 -11.16 27.03
CA GLU C 246 -1.42 -11.12 27.89
C GLU C 246 -1.80 -10.68 29.32
N LYS C 247 -2.59 -9.56 29.45
CA LYS C 247 -3.05 -9.00 30.73
C LYS C 247 -3.89 -10.01 31.51
N LEU C 248 -4.65 -10.83 30.77
CA LEU C 248 -5.58 -11.82 31.26
C LEU C 248 -4.96 -13.20 31.45
N GLY C 249 -3.70 -13.38 31.04
CA GLY C 249 -3.00 -14.66 31.17
C GLY C 249 -3.67 -15.81 30.42
N ILE C 250 -4.04 -15.57 29.15
CA ILE C 250 -4.69 -16.55 28.30
C ILE C 250 -3.97 -16.60 26.99
N LYS C 251 -4.01 -17.76 26.33
CA LYS C 251 -3.37 -17.96 25.04
C LYS C 251 -4.38 -17.73 23.90
N LEU C 252 -3.88 -17.41 22.70
CA LEU C 252 -4.67 -17.25 21.48
C LEU C 252 -4.23 -18.29 20.47
N PRO C 253 -4.53 -19.61 20.66
CA PRO C 253 -4.03 -20.62 19.70
C PRO C 253 -4.82 -20.60 18.39
N LEU C 254 -4.58 -19.54 17.59
CA LEU C 254 -5.28 -19.29 16.34
C LEU C 254 -4.61 -19.97 15.11
N GLY C 255 -3.31 -20.26 15.21
CA GLY C 255 -2.56 -20.92 14.15
C GLY C 255 -3.02 -22.35 14.02
N ARG C 256 -2.96 -22.91 12.80
CA ARG C 256 -3.42 -24.31 12.58
C ARG C 256 -2.49 -25.36 13.25
N ASP C 257 -1.35 -24.86 13.80
CA ASP C 257 -0.34 -25.60 14.54
C ASP C 257 -0.44 -25.24 16.02
N ASN C 258 -1.56 -24.53 16.41
CA ASN C 258 -1.93 -23.98 17.73
C ASN C 258 -1.05 -22.82 18.21
N SER C 259 -0.32 -22.14 17.28
CA SER C 259 0.54 -20.99 17.60
C SER C 259 -0.29 -19.72 17.76
N GLU C 260 0.28 -18.70 18.40
CA GLU C 260 -0.42 -17.45 18.59
C GLU C 260 -0.23 -16.54 17.37
N PRO C 261 -1.18 -15.60 17.06
CA PRO C 261 -0.94 -14.65 15.94
C PRO C 261 0.39 -13.92 16.14
N LYS C 262 1.17 -13.77 15.08
CA LYS C 262 2.51 -13.22 15.21
C LYS C 262 2.65 -11.84 14.59
N MET C 263 3.03 -10.88 15.42
CA MET C 263 3.25 -9.50 15.03
C MET C 263 4.62 -9.38 14.37
N GLN C 264 4.63 -8.79 13.19
CA GLN C 264 5.81 -8.54 12.35
C GLN C 264 5.93 -7.05 12.18
N ARG C 265 7.16 -6.52 12.28
CA ARG C 265 7.38 -5.08 12.14
C ARG C 265 7.57 -4.73 10.66
N MET C 266 6.55 -4.05 10.08
CA MET C 266 6.54 -3.61 8.68
C MET C 266 6.58 -2.08 8.69
N GLY C 267 7.76 -1.51 8.42
CA GLY C 267 7.99 -0.07 8.46
C GLY C 267 8.00 0.37 9.91
N ASP C 268 7.03 1.23 10.29
CA ASP C 268 6.83 1.69 11.67
C ASP C 268 5.51 1.10 12.24
N SER C 269 4.70 0.54 11.34
CA SER C 269 3.41 -0.10 11.62
C SER C 269 3.60 -1.65 11.77
N LEU C 270 2.51 -2.40 11.94
CA LEU C 270 2.63 -3.84 12.16
C LEU C 270 1.97 -4.66 11.04
N ALA C 271 2.27 -5.95 11.03
CA ALA C 271 1.67 -6.94 10.15
C ALA C 271 1.52 -8.24 10.95
N VAL C 272 0.31 -8.79 10.99
CA VAL C 272 0.07 -9.98 11.79
C VAL C 272 -0.15 -11.22 10.89
N GLU C 273 0.59 -12.28 11.17
CA GLU C 273 0.44 -13.54 10.49
C GLU C 273 -0.17 -14.56 11.45
N ILE C 274 -1.08 -15.43 10.93
CA ILE C 274 -1.73 -16.55 11.59
C ILE C 274 -1.34 -17.77 10.77
N LYS C 275 -0.44 -18.60 11.32
CA LYS C 275 0.15 -19.76 10.63
C LYS C 275 -0.90 -20.78 10.21
N GLY C 276 -0.76 -21.23 8.96
CA GLY C 276 -1.63 -22.18 8.30
C GLY C 276 -2.85 -21.52 7.65
N ARG C 277 -3.04 -20.21 7.90
CA ARG C 277 -4.14 -19.41 7.37
C ARG C 277 -3.62 -18.20 6.62
N ILE C 278 -4.53 -17.48 5.96
CA ILE C 278 -4.18 -16.24 5.30
C ILE C 278 -4.87 -15.13 6.09
N HIS C 279 -4.11 -14.32 6.85
CA HIS C 279 -4.70 -13.16 7.53
C HIS C 279 -4.74 -12.10 6.46
N PHE C 280 -5.95 -11.85 5.95
CA PHE C 280 -6.14 -10.89 4.87
C PHE C 280 -6.64 -9.57 5.44
N ASP C 281 -5.72 -8.62 5.60
CA ASP C 281 -6.10 -7.32 6.12
C ASP C 281 -6.44 -6.45 4.94
N LEU C 282 -7.71 -6.02 4.87
CA LEU C 282 -8.25 -5.21 3.80
C LEU C 282 -7.68 -3.82 3.75
N PHE C 283 -7.26 -3.25 4.91
CA PHE C 283 -6.78 -1.86 5.00
C PHE C 283 -5.64 -1.55 4.03
N PRO C 284 -4.46 -2.23 4.00
CA PRO C 284 -3.47 -1.92 2.95
C PRO C 284 -3.98 -2.13 1.53
N VAL C 285 -4.84 -3.18 1.31
CA VAL C 285 -5.44 -3.57 0.00
C VAL C 285 -6.30 -2.43 -0.54
N ILE C 286 -7.31 -1.99 0.24
CA ILE C 286 -8.24 -0.94 -0.18
C ILE C 286 -7.49 0.39 -0.40
N ARG C 287 -6.52 0.70 0.47
CA ARG C 287 -5.71 1.92 0.33
C ARG C 287 -4.99 2.01 -1.03
N ARG C 288 -4.51 0.87 -1.57
N ARG C 288 -4.52 0.86 -1.54
CA ARG C 288 -3.83 0.87 -2.87
CA ARG C 288 -3.78 0.74 -2.81
C ARG C 288 -4.82 0.87 -4.02
C ARG C 288 -4.73 0.72 -4.02
N THR C 289 -5.89 0.06 -3.89
CA THR C 289 -6.89 -0.14 -4.93
C THR C 289 -7.74 1.08 -5.20
N ILE C 290 -8.30 1.74 -4.16
CA ILE C 290 -9.21 2.87 -4.40
C ILE C 290 -8.69 4.17 -3.77
N ASN C 291 -9.09 5.30 -4.37
CA ASN C 291 -8.73 6.66 -3.98
C ASN C 291 -9.86 7.30 -3.17
N LEU C 292 -9.62 7.51 -1.87
CA LEU C 292 -10.58 8.14 -0.95
C LEU C 292 -9.89 9.13 0.00
N PRO C 293 -10.54 10.27 0.39
CA PRO C 293 -9.89 11.18 1.36
C PRO C 293 -9.71 10.50 2.73
N THR C 294 -10.64 9.58 3.13
CA THR C 294 -10.56 8.76 4.35
C THR C 294 -10.86 7.34 4.10
N TYR C 295 -10.13 6.45 4.79
CA TYR C 295 -10.35 5.04 4.66
C TYR C 295 -11.07 4.47 5.90
N THR C 296 -12.19 5.11 6.27
CA THR C 296 -13.08 4.61 7.33
C THR C 296 -13.87 3.48 6.71
N LEU C 297 -14.23 2.46 7.50
CA LEU C 297 -14.97 1.31 6.98
C LEU C 297 -16.23 1.76 6.23
N GLU C 298 -16.97 2.74 6.79
CA GLU C 298 -18.19 3.36 6.28
C GLU C 298 -17.96 4.00 4.89
N ALA C 299 -16.87 4.77 4.73
CA ALA C 299 -16.54 5.41 3.46
C ALA C 299 -16.19 4.37 2.40
N VAL C 300 -15.42 3.34 2.79
CA VAL C 300 -14.98 2.27 1.89
C VAL C 300 -16.19 1.43 1.41
N TYR C 301 -17.07 1.03 2.34
CA TYR C 301 -18.25 0.22 2.04
C TYR C 301 -19.15 0.98 1.06
N GLU C 302 -19.40 2.29 1.32
CA GLU C 302 -20.24 3.11 0.44
C GLU C 302 -19.63 3.23 -0.96
N ALA C 303 -18.30 3.39 -1.06
CA ALA C 303 -17.60 3.54 -2.31
C ALA C 303 -17.73 2.28 -3.19
N ILE C 304 -17.65 1.09 -2.58
CA ILE C 304 -17.68 -0.19 -3.33
C ILE C 304 -19.11 -0.69 -3.63
N PHE C 305 -20.02 -0.65 -2.63
CA PHE C 305 -21.39 -1.20 -2.75
C PHE C 305 -22.49 -0.15 -2.84
N GLY C 306 -22.12 1.13 -2.83
CA GLY C 306 -23.07 2.25 -2.96
C GLY C 306 -24.15 2.31 -1.91
N LYS C 307 -23.85 1.75 -0.71
CA LYS C 307 -24.77 1.71 0.41
C LYS C 307 -24.16 2.41 1.60
N SER C 308 -25.01 3.14 2.35
CA SER C 308 -24.63 3.86 3.56
C SER C 308 -24.42 2.89 4.76
N LYS C 309 -23.50 3.25 5.65
CA LYS C 309 -23.20 2.52 6.88
C LYS C 309 -23.12 3.52 8.02
N GLU C 310 -23.84 3.24 9.12
CA GLU C 310 -23.86 4.12 10.28
C GLU C 310 -22.57 3.97 11.13
N LYS C 311 -22.04 5.10 11.66
CA LYS C 311 -20.89 5.08 12.55
C LYS C 311 -21.32 5.35 13.96
N VAL C 312 -20.73 4.63 14.90
CA VAL C 312 -20.93 4.83 16.31
C VAL C 312 -19.54 5.20 16.84
N TYR C 313 -19.37 6.46 17.25
CA TYR C 313 -18.06 6.97 17.66
C TYR C 313 -17.64 6.44 19.04
N ALA C 314 -16.31 6.35 19.28
CA ALA C 314 -15.70 5.80 20.49
C ALA C 314 -16.32 6.35 21.77
N HIS C 315 -16.54 7.67 21.85
CA HIS C 315 -17.15 8.32 23.03
C HIS C 315 -18.58 7.80 23.28
N GLU C 316 -19.34 7.50 22.21
CA GLU C 316 -20.70 6.98 22.32
C GLU C 316 -20.69 5.53 22.84
N ILE C 317 -19.71 4.72 22.38
CA ILE C 317 -19.52 3.31 22.76
C ILE C 317 -19.18 3.27 24.26
N ALA C 318 -18.26 4.16 24.71
CA ALA C 318 -17.86 4.26 26.12
C ALA C 318 -19.07 4.64 27.02
N GLU C 319 -19.87 5.63 26.60
CA GLU C 319 -21.04 6.08 27.32
C GLU C 319 -22.08 4.98 27.45
N ALA C 320 -22.34 4.23 26.36
CA ALA C 320 -23.32 3.15 26.36
C ALA C 320 -22.86 1.98 27.27
N TRP C 321 -21.57 1.65 27.22
CA TRP C 321 -21.02 0.59 28.03
C TRP C 321 -21.06 0.93 29.52
N GLU C 322 -20.60 2.15 29.87
CA GLU C 322 -20.48 2.58 31.27
C GLU C 322 -21.83 2.80 31.92
N THR C 323 -22.81 3.35 31.15
CA THR C 323 -24.18 3.62 31.61
C THR C 323 -25.05 2.36 31.56
N GLY C 324 -24.81 1.50 30.58
CA GLY C 324 -25.58 0.29 30.34
C GLY C 324 -26.76 0.56 29.43
N LYS C 325 -26.96 1.85 29.07
CA LYS C 325 -28.05 2.34 28.22
C LYS C 325 -27.59 2.51 26.76
N GLY C 326 -28.47 2.16 25.82
CA GLY C 326 -28.23 2.24 24.38
C GLY C 326 -27.18 1.29 23.84
N LEU C 327 -27.08 0.09 24.42
CA LEU C 327 -26.09 -0.92 24.04
C LEU C 327 -26.48 -1.68 22.79
N GLU C 328 -27.79 -1.76 22.48
CA GLU C 328 -28.32 -2.44 21.29
C GLU C 328 -27.78 -1.76 20.01
N ARG C 329 -27.65 -0.41 20.05
CA ARG C 329 -27.11 0.42 18.98
C ARG C 329 -25.63 0.08 18.75
N VAL C 330 -24.85 -0.08 19.85
CA VAL C 330 -23.42 -0.42 19.83
C VAL C 330 -23.22 -1.85 19.25
N ALA C 331 -24.03 -2.84 19.69
CA ALA C 331 -23.97 -4.22 19.18
C ALA C 331 -24.34 -4.29 17.69
N LYS C 332 -25.31 -3.47 17.22
CA LYS C 332 -25.67 -3.44 15.80
C LYS C 332 -24.48 -2.94 14.95
N TYR C 333 -23.76 -1.95 15.45
CA TYR C 333 -22.57 -1.35 14.81
C TYR C 333 -21.45 -2.37 14.71
N SER C 334 -21.20 -3.11 15.83
CA SER C 334 -20.19 -4.18 15.89
C SER C 334 -20.51 -5.28 14.90
N MET C 335 -21.80 -5.69 14.83
CA MET C 335 -22.30 -6.72 13.93
C MET C 335 -22.11 -6.30 12.48
N GLU C 336 -22.46 -5.03 12.15
CA GLU C 336 -22.33 -4.52 10.79
C GLU C 336 -20.84 -4.43 10.36
N ASP C 337 -19.95 -4.03 11.28
CA ASP C 337 -18.53 -3.96 11.01
C ASP C 337 -18.02 -5.32 10.49
N ALA C 338 -18.41 -6.44 11.15
CA ALA C 338 -18.04 -7.80 10.74
C ALA C 338 -18.71 -8.18 9.41
N LYS C 339 -20.02 -7.87 9.28
CA LYS C 339 -20.81 -8.14 8.09
C LYS C 339 -20.22 -7.46 6.83
N VAL C 340 -19.89 -6.16 6.93
CA VAL C 340 -19.35 -5.44 5.78
C VAL C 340 -17.88 -5.84 5.53
N THR C 341 -17.13 -6.27 6.60
CA THR C 341 -15.74 -6.72 6.49
C THR C 341 -15.75 -8.04 5.68
N PHE C 342 -16.76 -8.87 5.89
CA PHE C 342 -16.91 -10.11 5.16
C PHE C 342 -17.23 -9.84 3.69
N GLU C 343 -18.12 -8.89 3.42
CA GLU C 343 -18.56 -8.56 2.06
C GLU C 343 -17.43 -7.93 1.28
N LEU C 344 -16.61 -7.12 1.95
CA LEU C 344 -15.50 -6.44 1.30
C LEU C 344 -14.39 -7.44 1.03
N GLY C 345 -14.11 -8.32 1.98
CA GLY C 345 -13.09 -9.35 1.82
C GLY C 345 -13.35 -10.26 0.65
N LYS C 346 -14.61 -10.64 0.45
CA LYS C 346 -15.04 -11.50 -0.64
C LYS C 346 -14.96 -10.76 -1.98
N GLU C 347 -15.10 -9.42 -1.92
CA GLU C 347 -15.03 -8.57 -3.09
C GLU C 347 -13.57 -8.41 -3.55
N PHE C 348 -12.64 -8.11 -2.62
CA PHE C 348 -11.23 -7.80 -2.89
C PHE C 348 -10.25 -8.96 -2.89
N PHE C 349 -10.60 -10.12 -2.30
CA PHE C 349 -9.70 -11.26 -2.26
C PHE C 349 -9.40 -11.86 -3.67
N PRO C 350 -10.41 -12.06 -4.60
CA PRO C 350 -10.11 -12.72 -5.88
C PRO C 350 -8.96 -12.13 -6.66
N MET C 351 -8.85 -10.78 -6.73
CA MET C 351 -7.78 -10.08 -7.44
C MET C 351 -6.44 -10.26 -6.73
N GLU C 352 -6.43 -10.24 -5.37
CA GLU C 352 -5.23 -10.46 -4.56
C GLU C 352 -4.75 -11.88 -4.76
N ALA C 353 -5.69 -12.84 -4.85
CA ALA C 353 -5.34 -14.23 -5.11
C ALA C 353 -4.71 -14.41 -6.49
N GLN C 354 -5.17 -13.68 -7.52
CA GLN C 354 -4.59 -13.85 -8.86
C GLN C 354 -3.25 -13.15 -8.98
N LEU C 355 -3.04 -12.07 -8.18
CA LEU C 355 -1.77 -11.34 -8.20
C LEU C 355 -0.71 -12.20 -7.55
N ALA C 356 -1.08 -12.87 -6.44
CA ALA C 356 -0.23 -13.82 -5.72
C ALA C 356 0.30 -14.89 -6.64
N ARG C 357 -0.60 -15.57 -7.36
CA ARG C 357 -0.32 -16.63 -8.34
C ARG C 357 0.58 -16.11 -9.45
N LEU C 358 0.28 -14.92 -10.01
CA LEU C 358 1.06 -14.31 -11.10
C LEU C 358 2.50 -14.02 -10.71
N VAL C 359 2.73 -13.52 -9.48
CA VAL C 359 4.08 -13.19 -9.01
C VAL C 359 4.71 -14.41 -8.27
N GLY C 360 3.91 -15.43 -7.99
CA GLY C 360 4.38 -16.65 -7.32
C GLY C 360 4.81 -16.46 -5.88
N GLN C 361 4.07 -15.66 -5.11
CA GLN C 361 4.30 -15.43 -3.68
C GLN C 361 2.94 -15.47 -2.95
N PRO C 362 2.91 -15.80 -1.63
CA PRO C 362 1.62 -15.91 -0.94
C PRO C 362 0.84 -14.59 -0.84
N VAL C 363 -0.50 -14.70 -0.79
CA VAL C 363 -1.45 -13.59 -0.67
C VAL C 363 -1.06 -12.72 0.54
N TRP C 364 -0.63 -13.32 1.66
CA TRP C 364 -0.26 -12.55 2.85
C TRP C 364 0.72 -11.45 2.49
N ASP C 365 1.80 -11.83 1.81
CA ASP C 365 2.86 -10.93 1.42
C ASP C 365 2.44 -9.98 0.28
N VAL C 366 1.78 -10.53 -0.76
CA VAL C 366 1.35 -9.82 -1.96
C VAL C 366 0.29 -8.76 -1.62
N SER C 367 -0.69 -9.08 -0.74
CA SER C 367 -1.72 -8.12 -0.35
C SER C 367 -1.13 -6.93 0.41
N ARG C 368 0.08 -7.08 0.97
CA ARG C 368 0.75 -6.04 1.75
C ARG C 368 1.92 -5.38 0.97
N SER C 369 1.98 -5.55 -0.37
CA SER C 369 3.05 -5.04 -1.22
C SER C 369 2.63 -3.96 -2.19
N SER C 370 3.61 -3.11 -2.54
CA SER C 370 3.49 -2.11 -3.56
C SER C 370 3.63 -2.82 -4.90
N THR C 371 3.25 -2.18 -6.03
CA THR C 371 3.41 -2.83 -7.34
C THR C 371 4.90 -3.05 -7.65
N GLY C 372 5.74 -2.14 -7.19
CA GLY C 372 7.19 -2.26 -7.35
C GLY C 372 7.74 -3.54 -6.77
N ASN C 373 7.24 -3.94 -5.59
CA ASN C 373 7.66 -5.17 -4.93
C ASN C 373 7.03 -6.38 -5.63
N LEU C 374 5.84 -6.21 -6.25
CA LEU C 374 5.23 -7.30 -7.01
C LEU C 374 6.08 -7.61 -8.24
N VAL C 375 6.56 -6.55 -8.95
CA VAL C 375 7.43 -6.66 -10.12
C VAL C 375 8.74 -7.36 -9.70
N GLU C 376 9.34 -6.96 -8.55
CA GLU C 376 10.59 -7.54 -8.11
C GLU C 376 10.46 -9.03 -7.80
N TRP C 377 9.35 -9.48 -7.19
CA TRP C 377 9.14 -10.89 -6.90
C TRP C 377 8.95 -11.70 -8.21
N PHE C 378 8.26 -11.11 -9.18
CA PHE C 378 8.07 -11.70 -10.50
C PHE C 378 9.44 -11.86 -11.17
N LEU C 379 10.30 -10.80 -11.12
CA LEU C 379 11.64 -10.74 -11.70
C LEU C 379 12.61 -11.73 -11.04
N LEU C 380 12.55 -11.88 -9.72
CA LEU C 380 13.42 -12.79 -9.01
C LEU C 380 13.17 -14.24 -9.42
N ARG C 381 11.89 -14.63 -9.54
CA ARG C 381 11.51 -15.98 -9.95
C ARG C 381 11.91 -16.20 -11.38
N LYS C 382 11.67 -15.21 -12.26
CA LYS C 382 12.04 -15.29 -13.68
C LYS C 382 13.55 -15.38 -13.85
N ALA C 383 14.32 -14.70 -12.97
CA ALA C 383 15.78 -14.76 -12.98
C ALA C 383 16.27 -16.18 -12.64
N TYR C 384 15.65 -16.87 -11.64
CA TYR C 384 15.99 -18.26 -11.28
C TYR C 384 15.72 -19.18 -12.48
N GLU C 385 14.51 -19.05 -13.08
CA GLU C 385 14.08 -19.84 -14.24
C GLU C 385 15.00 -19.67 -15.46
N ARG C 386 15.59 -18.47 -15.65
CA ARG C 386 16.44 -18.12 -16.78
C ARG C 386 17.96 -18.18 -16.48
N ASN C 387 18.33 -18.64 -15.27
CA ASN C 387 19.71 -18.72 -14.79
C ASN C 387 20.34 -17.34 -14.86
N GLU C 388 19.60 -16.29 -14.45
CA GLU C 388 20.12 -14.93 -14.45
C GLU C 388 20.35 -14.50 -13.01
N LEU C 389 21.61 -14.16 -12.71
CA LEU C 389 22.06 -13.67 -11.41
C LEU C 389 21.36 -12.32 -11.15
N ALA C 390 20.69 -12.21 -10.00
CA ALA C 390 19.92 -11.04 -9.66
C ALA C 390 20.81 -9.91 -9.17
N PRO C 391 20.59 -8.65 -9.62
CA PRO C 391 21.35 -7.53 -9.07
C PRO C 391 20.92 -7.29 -7.64
N ASN C 392 21.77 -6.62 -6.89
CA ASN C 392 21.50 -6.36 -5.49
C ASN C 392 20.65 -5.12 -5.33
N LYS C 393 20.01 -5.00 -4.19
CA LYS C 393 19.25 -3.83 -3.78
C LYS C 393 20.29 -2.76 -3.48
N PRO C 394 19.99 -1.45 -3.64
CA PRO C 394 21.01 -0.43 -3.36
C PRO C 394 21.30 -0.30 -1.87
N ASP C 395 22.49 0.25 -1.52
CA ASP C 395 22.83 0.55 -0.14
C ASP C 395 22.18 1.93 0.19
N GLU C 396 22.24 2.41 1.46
CA GLU C 396 21.64 3.69 1.88
C GLU C 396 22.14 4.82 0.99
N ARG C 397 23.46 4.84 0.68
CA ARG C 397 24.14 5.82 -0.18
C ARG C 397 23.56 5.83 -1.60
N GLU C 398 23.50 4.67 -2.26
CA GLU C 398 22.95 4.52 -3.63
C GLU C 398 21.45 4.81 -3.65
N TYR C 399 20.68 4.33 -2.65
CA TYR C 399 19.24 4.57 -2.57
C TYR C 399 18.94 6.08 -2.52
N GLU C 400 19.71 6.86 -1.72
CA GLU C 400 19.58 8.33 -1.59
C GLU C 400 19.93 9.07 -2.88
N ARG C 401 21.03 8.65 -3.57
CA ARG C 401 21.49 9.20 -4.83
C ARG C 401 20.45 9.02 -5.93
N ARG C 402 19.75 7.86 -5.96
CA ARG C 402 18.68 7.55 -6.93
C ARG C 402 17.49 8.50 -6.69
N LEU C 403 17.15 8.75 -5.39
CA LEU C 403 16.08 9.68 -5.02
C LEU C 403 16.37 11.12 -5.50
N ARG C 404 17.69 11.49 -5.54
CA ARG C 404 18.25 12.78 -5.94
C ARG C 404 18.33 12.96 -7.47
N GLU C 405 18.48 11.85 -8.25
CA GLU C 405 18.56 11.87 -9.72
C GLU C 405 17.37 12.54 -10.35
N SER C 406 17.65 13.37 -11.37
CA SER C 406 16.66 14.07 -12.15
C SER C 406 16.45 13.36 -13.47
N TYR C 407 15.17 13.15 -13.84
CA TYR C 407 14.82 12.55 -15.14
C TYR C 407 14.71 13.74 -16.13
N GLU C 408 14.24 13.53 -17.38
CA GLU C 408 14.18 14.67 -18.28
C GLU C 408 12.70 15.13 -18.51
N GLY C 409 12.02 14.57 -19.51
CA GLY C 409 10.64 14.94 -19.85
C GLY C 409 9.63 14.65 -18.75
N VAL C 412 5.06 16.51 -17.93
CA VAL C 412 4.57 17.27 -19.09
C VAL C 412 4.19 18.73 -18.63
N LYS C 413 3.35 19.45 -19.40
CA LYS C 413 2.93 20.85 -19.21
C LYS C 413 2.31 21.21 -17.83
N GLU C 414 2.33 22.53 -17.52
N GLU C 414 2.31 22.52 -17.51
CA GLU C 414 1.74 23.08 -16.30
CA GLU C 414 1.67 23.03 -16.28
C GLU C 414 0.19 23.19 -16.54
C GLU C 414 0.17 23.12 -16.56
N PRO C 415 -0.69 22.79 -15.57
CA PRO C 415 -2.14 22.79 -15.82
C PRO C 415 -2.78 24.13 -16.15
N GLU C 416 -4.00 24.05 -16.72
CA GLU C 416 -4.80 25.24 -17.03
C GLU C 416 -5.41 25.74 -15.71
N LYS C 417 -5.39 27.04 -15.49
CA LYS C 417 -5.97 27.63 -14.28
C LYS C 417 -7.51 27.71 -14.40
N GLY C 418 -8.16 27.92 -13.26
CA GLY C 418 -9.61 28.05 -13.21
C GLY C 418 -10.41 26.79 -13.07
N LEU C 419 -11.72 26.97 -13.00
CA LEU C 419 -12.68 25.91 -12.84
C LEU C 419 -13.25 25.53 -14.19
N TRP C 420 -13.11 24.24 -14.53
CA TRP C 420 -13.52 23.66 -15.79
C TRP C 420 -14.72 22.74 -15.62
N GLU C 421 -15.62 22.74 -16.61
CA GLU C 421 -16.82 21.91 -16.62
C GLU C 421 -16.77 20.89 -17.75
N GLY C 422 -17.40 19.74 -17.53
CA GLY C 422 -17.44 18.65 -18.50
C GLY C 422 -16.07 18.12 -18.85
N ILE C 423 -15.39 17.50 -17.88
CA ILE C 423 -14.03 17.02 -18.04
C ILE C 423 -14.01 15.57 -18.33
N VAL C 424 -13.33 15.22 -19.41
CA VAL C 424 -13.15 13.84 -19.83
C VAL C 424 -11.72 13.39 -19.36
N SER C 425 -11.62 12.16 -18.84
CA SER C 425 -10.34 11.60 -18.36
C SER C 425 -9.86 10.43 -19.28
N LEU C 426 -8.63 10.57 -19.84
CA LEU C 426 -8.01 9.58 -20.71
C LEU C 426 -6.75 9.05 -20.07
N ASP C 427 -6.57 7.72 -20.09
CA ASP C 427 -5.44 7.03 -19.48
C ASP C 427 -4.44 6.55 -20.53
N PHE C 428 -3.14 6.86 -20.36
CA PHE C 428 -2.04 6.49 -21.27
C PHE C 428 -1.29 5.22 -20.88
N ARG C 429 -1.37 4.74 -19.64
CA ARG C 429 -0.54 3.68 -19.05
C ARG C 429 -0.32 2.39 -19.87
N SER C 430 -1.32 1.96 -20.68
CA SER C 430 -1.20 0.73 -21.48
C SER C 430 -0.37 0.94 -22.76
N LEU C 431 0.34 2.04 -22.82
CA LEU C 431 1.18 2.45 -23.93
C LEU C 431 2.64 1.97 -23.70
N TYR C 432 3.14 2.14 -22.46
CA TYR C 432 4.50 1.89 -22.01
C TYR C 432 4.97 0.42 -22.10
N PRO C 433 4.23 -0.66 -21.76
CA PRO C 433 4.82 -2.00 -21.91
C PRO C 433 5.19 -2.26 -23.39
N SER C 434 4.36 -1.78 -24.32
CA SER C 434 4.65 -1.95 -25.74
C SER C 434 5.92 -1.15 -26.14
N ILE C 435 6.17 0.00 -25.53
CA ILE C 435 7.37 0.79 -25.87
C ILE C 435 8.63 0.07 -25.38
N ILE C 436 8.55 -0.56 -24.17
CA ILE C 436 9.67 -1.29 -23.55
C ILE C 436 10.04 -2.48 -24.43
N ILE C 437 9.02 -3.22 -24.92
CA ILE C 437 9.23 -4.38 -25.76
C ILE C 437 9.84 -3.98 -27.13
N THR C 438 9.20 -3.06 -27.91
CA THR C 438 9.64 -2.70 -29.25
C THR C 438 11.01 -2.02 -29.26
N HIS C 439 11.33 -1.26 -28.23
CA HIS C 439 12.63 -0.61 -28.21
C HIS C 439 13.66 -1.35 -27.36
N ASN C 440 13.30 -2.55 -26.87
CA ASN C 440 14.18 -3.45 -26.09
C ASN C 440 14.85 -2.74 -24.93
N VAL C 441 14.06 -1.97 -24.18
CA VAL C 441 14.50 -1.11 -23.08
C VAL C 441 14.72 -1.96 -21.84
N SER C 442 16.00 -2.14 -21.48
CA SER C 442 16.38 -2.99 -20.36
C SER C 442 17.76 -2.60 -19.84
N PRO C 443 18.05 -2.76 -18.51
CA PRO C 443 19.37 -2.39 -18.00
C PRO C 443 20.51 -3.18 -18.64
N ASP C 444 20.22 -4.46 -19.05
CA ASP C 444 21.16 -5.36 -19.74
C ASP C 444 21.36 -5.02 -21.21
N THR C 445 20.55 -4.13 -21.81
CA THR C 445 20.73 -3.76 -23.23
C THR C 445 21.22 -2.34 -23.39
N LEU C 446 21.23 -1.55 -22.30
CA LEU C 446 21.68 -0.16 -22.28
C LEU C 446 23.21 -0.07 -22.50
N ASN C 447 23.61 0.82 -23.45
CA ASN C 447 24.97 1.18 -23.87
C ASN C 447 25.94 -0.03 -23.86
N ARG C 448 25.61 -1.06 -24.66
CA ARG C 448 26.38 -2.29 -24.80
C ARG C 448 27.57 -2.12 -25.71
N GLU C 449 28.71 -2.69 -25.32
CA GLU C 449 29.91 -2.63 -26.16
C GLU C 449 29.80 -3.62 -27.31
N ASN C 450 30.32 -3.21 -28.49
CA ASN C 450 30.38 -3.96 -29.76
C ASN C 450 28.99 -4.41 -30.19
N CYS C 451 28.07 -3.50 -30.05
CA CYS C 451 26.69 -3.74 -30.44
C CYS C 451 26.57 -3.50 -31.95
N LYS C 452 25.87 -4.39 -32.66
CA LYS C 452 25.74 -4.26 -34.11
C LYS C 452 24.58 -3.31 -34.51
N GLU C 453 23.43 -3.40 -33.83
CA GLU C 453 22.27 -2.56 -34.12
C GLU C 453 21.66 -2.05 -32.80
N TYR C 454 21.32 -0.76 -32.72
CA TYR C 454 20.74 -0.24 -31.47
C TYR C 454 19.63 0.76 -31.72
N ASP C 455 18.75 0.93 -30.71
CA ASP C 455 17.72 1.94 -30.72
C ASP C 455 18.22 3.09 -29.87
N VAL C 456 18.05 4.28 -30.39
CA VAL C 456 18.44 5.52 -29.70
C VAL C 456 17.16 6.19 -29.22
N ALA C 457 17.10 6.55 -27.93
CA ALA C 457 15.95 7.25 -27.39
C ALA C 457 15.90 8.69 -27.89
N PRO C 458 14.73 9.26 -28.32
CA PRO C 458 14.72 10.66 -28.77
C PRO C 458 15.11 11.63 -27.63
N GLN C 459 15.80 12.74 -27.97
CA GLN C 459 16.23 13.81 -27.01
C GLN C 459 17.32 13.34 -26.03
N VAL C 460 17.04 12.28 -25.27
CA VAL C 460 17.89 11.76 -24.20
C VAL C 460 19.11 10.94 -24.73
N GLY C 461 18.95 10.30 -25.88
CA GLY C 461 20.02 9.63 -26.62
C GLY C 461 20.56 8.31 -26.14
N HIS C 462 19.87 7.65 -25.17
CA HIS C 462 20.29 6.36 -24.63
C HIS C 462 20.19 5.28 -25.70
N ARG C 463 21.25 4.45 -25.81
CA ARG C 463 21.32 3.40 -26.81
C ARG C 463 21.00 2.07 -26.19
N PHE C 464 20.00 1.36 -26.79
CA PHE C 464 19.59 0.02 -26.35
C PHE C 464 19.84 -0.98 -27.45
N CYS C 465 20.76 -1.90 -27.18
CA CYS C 465 21.15 -2.97 -28.06
C CYS C 465 19.95 -3.81 -28.54
N LYS C 466 19.92 -4.10 -29.86
CA LYS C 466 18.90 -4.89 -30.55
C LYS C 466 19.38 -6.32 -30.75
N ASP C 467 20.67 -6.62 -30.45
CA ASP C 467 21.33 -7.91 -30.72
C ASP C 467 20.72 -9.13 -29.99
N PHE C 468 20.14 -8.92 -28.82
CA PHE C 468 19.48 -9.98 -28.05
C PHE C 468 18.26 -9.36 -27.37
N PRO C 469 17.15 -10.08 -27.09
CA PRO C 469 16.05 -9.46 -26.32
C PRO C 469 16.46 -9.30 -24.86
N GLY C 470 16.22 -8.10 -24.31
CA GLY C 470 16.54 -7.77 -22.94
C GLY C 470 15.72 -8.60 -21.98
N PHE C 471 16.22 -8.78 -20.76
CA PHE C 471 15.53 -9.58 -19.75
C PHE C 471 14.07 -9.09 -19.52
N ILE C 472 13.86 -7.78 -19.14
CA ILE C 472 12.53 -7.18 -18.91
C ILE C 472 11.67 -7.18 -20.20
N PRO C 473 12.13 -6.65 -21.38
CA PRO C 473 11.29 -6.70 -22.59
C PRO C 473 10.78 -8.10 -22.94
N SER C 474 11.65 -9.09 -22.77
CA SER C 474 11.35 -10.47 -23.04
C SER C 474 10.18 -11.00 -22.15
N LEU C 475 10.21 -10.66 -20.86
CA LEU C 475 9.20 -11.09 -19.88
C LEU C 475 7.88 -10.41 -20.12
N LEU C 476 7.94 -9.10 -20.43
CA LEU C 476 6.78 -8.25 -20.73
C LEU C 476 6.00 -8.77 -21.94
N GLY C 477 6.73 -9.14 -23.01
CA GLY C 477 6.16 -9.71 -24.24
C GLY C 477 5.39 -10.98 -23.97
N ASN C 478 5.92 -11.83 -23.05
CA ASN C 478 5.29 -13.08 -22.66
C ASN C 478 4.06 -12.77 -21.83
N LEU C 479 4.15 -11.79 -20.91
CA LEU C 479 3.00 -11.33 -20.12
C LEU C 479 1.88 -10.85 -21.04
N LEU C 480 2.19 -9.96 -22.01
CA LEU C 480 1.20 -9.41 -22.94
C LEU C 480 0.61 -10.51 -23.86
N GLU C 481 1.44 -11.48 -24.32
CA GLU C 481 0.94 -12.56 -25.18
C GLU C 481 -0.02 -13.45 -24.38
N GLU C 482 0.34 -13.75 -23.10
CA GLU C 482 -0.45 -14.57 -22.19
C GLU C 482 -1.81 -13.92 -21.92
N ARG C 483 -1.85 -12.57 -21.79
CA ARG C 483 -3.09 -11.81 -21.59
C ARG C 483 -4.00 -11.90 -22.84
N GLN C 484 -3.41 -11.87 -24.06
CA GLN C 484 -4.17 -11.95 -25.29
C GLN C 484 -4.80 -13.32 -25.45
N LYS C 485 -4.07 -14.37 -25.01
CA LYS C 485 -4.54 -15.76 -25.05
C LYS C 485 -5.71 -15.93 -24.10
N ILE C 486 -5.63 -15.36 -22.88
CA ILE C 486 -6.69 -15.38 -21.87
C ILE C 486 -7.96 -14.69 -22.47
N LYS C 487 -7.80 -13.47 -23.02
CA LYS C 487 -8.89 -12.69 -23.64
C LYS C 487 -9.57 -13.48 -24.77
N LYS C 488 -8.76 -14.22 -25.58
CA LYS C 488 -9.26 -15.06 -26.68
C LYS C 488 -10.06 -16.24 -26.11
N ARG C 489 -9.61 -16.83 -24.97
CA ARG C 489 -10.32 -17.93 -24.31
C ARG C 489 -11.64 -17.44 -23.77
N MET C 490 -11.70 -16.15 -23.34
CA MET C 490 -12.89 -15.53 -22.78
C MET C 490 -14.01 -15.37 -23.83
N LYS C 491 -13.66 -14.91 -25.07
CA LYS C 491 -14.62 -14.76 -26.17
C LYS C 491 -15.19 -16.13 -26.60
N GLU C 492 -14.32 -17.16 -26.68
CA GLU C 492 -14.64 -18.54 -27.11
C GLU C 492 -15.18 -19.42 -25.95
N SER C 493 -15.47 -18.85 -24.77
CA SER C 493 -16.00 -19.62 -23.63
C SER C 493 -17.51 -19.40 -23.39
N LYS C 494 -18.24 -20.51 -23.19
CA LYS C 494 -19.69 -20.53 -22.93
C LYS C 494 -19.97 -20.72 -21.42
N ASP C 495 -18.89 -20.96 -20.60
CA ASP C 495 -18.90 -21.20 -19.15
C ASP C 495 -18.69 -19.86 -18.36
N PRO C 496 -19.74 -19.36 -17.64
CA PRO C 496 -19.59 -18.07 -16.92
C PRO C 496 -18.64 -18.12 -15.71
N VAL C 497 -18.34 -19.33 -15.20
CA VAL C 497 -17.44 -19.54 -14.05
C VAL C 497 -15.99 -19.29 -14.47
N GLU C 498 -15.52 -19.91 -15.60
CA GLU C 498 -14.13 -19.71 -16.05
C GLU C 498 -13.94 -18.31 -16.61
N LYS C 499 -15.00 -17.71 -17.21
CA LYS C 499 -14.95 -16.35 -17.74
C LYS C 499 -14.60 -15.36 -16.62
N LYS C 500 -15.18 -15.59 -15.41
CA LYS C 500 -14.98 -14.79 -14.19
C LYS C 500 -13.53 -14.89 -13.72
N LEU C 501 -13.01 -16.14 -13.65
CA LEU C 501 -11.66 -16.46 -13.20
C LEU C 501 -10.65 -15.88 -14.19
N LEU C 502 -10.85 -16.12 -15.51
CA LEU C 502 -9.98 -15.59 -16.54
C LEU C 502 -9.99 -14.07 -16.60
N ASP C 503 -11.12 -13.40 -16.24
CA ASP C 503 -11.19 -11.94 -16.25
C ASP C 503 -10.24 -11.36 -15.18
N TYR C 504 -10.17 -11.99 -14.00
CA TYR C 504 -9.25 -11.58 -12.91
C TYR C 504 -7.82 -11.82 -13.32
N ARG C 505 -7.59 -12.86 -14.11
CA ARG C 505 -6.25 -13.22 -14.56
C ARG C 505 -5.69 -12.23 -15.56
N GLN C 506 -6.49 -11.81 -16.58
CA GLN C 506 -6.03 -10.83 -17.56
C GLN C 506 -5.87 -9.44 -16.89
N ARG C 507 -6.72 -9.11 -15.89
CA ARG C 507 -6.65 -7.87 -15.12
C ARG C 507 -5.37 -7.82 -14.29
N ALA C 508 -4.99 -8.97 -13.66
CA ALA C 508 -3.77 -9.09 -12.87
C ALA C 508 -2.52 -8.87 -13.74
N ILE C 509 -2.54 -9.36 -15.01
CA ILE C 509 -1.43 -9.18 -15.95
C ILE C 509 -1.32 -7.71 -16.33
N LYS C 510 -2.45 -7.06 -16.65
CA LYS C 510 -2.49 -5.64 -16.96
C LYS C 510 -1.88 -4.84 -15.82
N ILE C 511 -2.27 -5.07 -14.58
CA ILE C 511 -1.73 -4.39 -13.40
C ILE C 511 -0.21 -4.57 -13.31
N LEU C 512 0.29 -5.83 -13.46
CA LEU C 512 1.73 -6.13 -13.38
C LEU C 512 2.49 -5.49 -14.54
N ALA C 513 2.03 -5.67 -15.81
CA ALA C 513 2.68 -5.09 -17.01
C ALA C 513 2.76 -3.56 -16.92
N ASN C 514 1.69 -2.89 -16.43
CA ASN C 514 1.63 -1.44 -16.34
C ASN C 514 2.41 -0.88 -15.14
N SER C 515 3.06 -1.75 -14.35
CA SER C 515 3.90 -1.36 -13.18
C SER C 515 5.38 -1.34 -13.50
N TYR C 516 5.80 -1.84 -14.71
CA TYR C 516 7.21 -1.95 -15.15
C TYR C 516 7.86 -0.61 -15.41
N TYR C 517 7.12 0.31 -16.04
CA TYR C 517 7.56 1.67 -16.34
C TYR C 517 7.96 2.38 -15.02
N GLY C 518 7.06 2.33 -14.04
CA GLY C 518 7.32 2.95 -12.75
C GLY C 518 8.43 2.29 -11.95
N TYR C 519 8.59 0.94 -12.12
CA TYR C 519 9.59 0.12 -11.44
C TYR C 519 10.99 0.54 -11.87
N TYR C 520 11.23 0.76 -13.18
CA TYR C 520 12.56 1.17 -13.65
C TYR C 520 13.12 2.36 -12.84
N GLY C 521 12.23 3.20 -12.34
CA GLY C 521 12.58 4.39 -11.58
C GLY C 521 12.48 4.28 -10.07
N TYR C 522 11.99 3.16 -9.56
CA TYR C 522 11.83 2.84 -8.14
C TYR C 522 13.23 2.66 -7.53
N ALA C 523 13.64 3.64 -6.68
CA ALA C 523 14.94 3.74 -6.01
C ALA C 523 15.37 2.49 -5.24
N LYS C 524 14.45 1.65 -4.76
CA LYS C 524 14.80 0.41 -4.05
C LYS C 524 14.93 -0.82 -5.00
N ALA C 525 14.64 -0.66 -6.31
CA ALA C 525 14.64 -1.74 -7.31
C ALA C 525 16.02 -2.31 -7.58
N ARG C 526 16.06 -3.64 -7.82
CA ARG C 526 17.26 -4.42 -8.19
C ARG C 526 17.61 -4.12 -9.66
N TRP C 527 16.57 -4.21 -10.53
CA TRP C 527 16.69 -3.92 -11.95
C TRP C 527 16.32 -2.46 -12.22
N TYR C 528 16.66 -1.56 -11.28
CA TYR C 528 16.52 -0.10 -11.40
C TYR C 528 17.30 0.36 -12.62
N CYS C 529 16.73 1.30 -13.37
CA CYS C 529 17.39 1.83 -14.57
C CYS C 529 16.77 3.20 -14.90
N LYS C 530 17.48 4.28 -14.51
CA LYS C 530 17.07 5.66 -14.73
C LYS C 530 16.98 5.93 -16.24
N GLU C 531 18.00 5.50 -17.00
CA GLU C 531 18.08 5.71 -18.45
C GLU C 531 16.92 5.02 -19.15
N CYS C 532 16.50 3.84 -18.63
CA CYS C 532 15.38 3.04 -19.15
C CYS C 532 14.06 3.83 -19.00
N ALA C 533 13.82 4.36 -17.78
CA ALA C 533 12.64 5.15 -17.46
C ALA C 533 12.58 6.41 -18.36
N GLU C 534 13.70 7.17 -18.52
CA GLU C 534 13.76 8.37 -19.36
C GLU C 534 13.50 8.08 -20.82
N SER C 535 14.05 6.95 -21.30
CA SER C 535 13.91 6.55 -22.70
C SER C 535 12.48 6.23 -22.99
N VAL C 536 11.78 5.51 -22.07
CA VAL C 536 10.36 5.14 -22.19
C VAL C 536 9.52 6.43 -22.19
N THR C 537 9.92 7.42 -21.38
CA THR C 537 9.27 8.73 -21.29
C THR C 537 9.45 9.48 -22.63
N ALA C 538 10.65 9.45 -23.20
CA ALA C 538 10.95 10.13 -24.46
C ALA C 538 10.18 9.51 -25.64
N TRP C 539 10.13 8.16 -25.73
CA TRP C 539 9.38 7.47 -26.80
C TRP C 539 7.86 7.61 -26.59
N GLY C 540 7.44 7.49 -25.34
CA GLY C 540 6.03 7.64 -24.96
C GLY C 540 5.45 9.00 -25.31
N ARG C 541 6.24 10.07 -25.12
CA ARG C 541 5.90 11.48 -25.38
C ARG C 541 5.46 11.71 -26.81
N GLN C 542 6.05 11.00 -27.80
CA GLN C 542 5.67 11.14 -29.22
C GLN C 542 4.20 10.72 -29.45
N TYR C 543 3.71 9.74 -28.67
CA TYR C 543 2.34 9.31 -28.75
C TYR C 543 1.43 10.25 -27.93
N ILE C 544 1.96 10.83 -26.82
CA ILE C 544 1.21 11.78 -25.98
C ILE C 544 1.01 13.07 -26.76
N ASP C 545 2.03 13.51 -27.53
CA ASP C 545 1.97 14.71 -28.38
C ASP C 545 0.98 14.50 -29.52
N LEU C 546 0.88 13.25 -30.02
CA LEU C 546 -0.05 12.88 -31.09
C LEU C 546 -1.48 12.96 -30.59
N VAL C 547 -1.75 12.36 -29.40
CA VAL C 547 -3.04 12.36 -28.72
C VAL C 547 -3.46 13.82 -28.51
N ARG C 548 -2.55 14.66 -27.92
CA ARG C 548 -2.82 16.07 -27.63
C ARG C 548 -3.19 16.83 -28.91
N ARG C 549 -2.39 16.68 -30.00
CA ARG C 549 -2.66 17.33 -31.28
C ARG C 549 -3.99 16.91 -31.90
N GLU C 550 -4.29 15.59 -31.88
CA GLU C 550 -5.51 15.06 -32.48
C GLU C 550 -6.74 15.49 -31.67
N LEU C 551 -6.61 15.58 -30.33
CA LEU C 551 -7.68 16.09 -29.50
C LEU C 551 -7.94 17.56 -29.80
N GLU C 552 -6.85 18.38 -29.91
CA GLU C 552 -6.93 19.83 -30.14
C GLU C 552 -7.53 20.20 -31.50
N SER C 553 -7.35 19.33 -32.52
CA SER C 553 -7.93 19.60 -33.85
C SER C 553 -9.43 19.26 -33.84
N ARG C 554 -9.88 18.50 -32.81
CA ARG C 554 -11.27 18.08 -32.67
C ARG C 554 -12.10 19.09 -31.84
N GLY C 555 -11.43 20.13 -31.35
CA GLY C 555 -12.03 21.21 -30.57
C GLY C 555 -11.80 21.06 -29.08
N PHE C 556 -11.11 19.99 -28.67
CA PHE C 556 -10.82 19.73 -27.26
C PHE C 556 -9.71 20.63 -26.76
N LYS C 557 -9.85 21.08 -25.50
CA LYS C 557 -8.83 21.84 -24.76
C LYS C 557 -8.22 20.89 -23.74
N VAL C 558 -6.89 20.70 -23.76
CA VAL C 558 -6.22 19.83 -22.79
C VAL C 558 -5.88 20.68 -21.56
N LEU C 559 -6.43 20.30 -20.41
CA LEU C 559 -6.31 21.06 -19.16
C LEU C 559 -5.20 20.59 -18.26
N TYR C 560 -4.85 19.31 -18.39
CA TYR C 560 -3.85 18.66 -17.57
C TYR C 560 -3.28 17.48 -18.34
N ILE C 561 -1.94 17.30 -18.31
CA ILE C 561 -1.22 16.17 -18.92
C ILE C 561 -0.13 15.71 -18.00
N ASP C 562 -0.09 14.42 -17.73
CA ASP C 562 1.03 13.82 -17.03
C ASP C 562 1.33 12.52 -17.79
N THR C 563 2.42 11.80 -17.45
CA THR C 563 2.81 10.56 -18.15
C THR C 563 1.70 9.48 -18.03
N ASP C 564 0.78 9.62 -17.03
CA ASP C 564 -0.29 8.67 -16.78
C ASP C 564 -1.53 8.90 -17.61
N GLY C 565 -1.83 10.15 -17.88
CA GLY C 565 -3.03 10.46 -18.64
C GLY C 565 -3.27 11.93 -18.76
N LEU C 566 -4.48 12.28 -19.21
CA LEU C 566 -4.85 13.66 -19.41
C LEU C 566 -6.32 13.92 -19.09
N TYR C 567 -6.65 15.21 -18.89
CA TYR C 567 -7.99 15.72 -18.68
C TYR C 567 -8.25 16.77 -19.75
N ALA C 568 -9.39 16.65 -20.43
CA ALA C 568 -9.76 17.56 -21.52
C ALA C 568 -11.24 17.86 -21.49
N THR C 569 -11.62 18.90 -22.19
CA THR C 569 -13.00 19.34 -22.33
C THR C 569 -13.13 20.02 -23.67
N ILE C 570 -14.38 20.24 -24.12
CA ILE C 570 -14.66 21.03 -25.32
C ILE C 570 -15.29 22.27 -24.73
N PRO C 571 -14.51 23.38 -24.60
CA PRO C 571 -15.07 24.59 -23.97
C PRO C 571 -16.44 24.99 -24.54
N GLY C 572 -17.39 25.16 -23.62
CA GLY C 572 -18.77 25.51 -23.93
C GLY C 572 -19.63 24.45 -24.61
N ALA C 573 -19.21 23.17 -24.57
CA ALA C 573 -20.02 22.13 -25.20
C ALA C 573 -20.90 21.38 -24.20
N LYS C 574 -21.98 20.74 -24.73
CA LYS C 574 -22.92 19.91 -24.00
C LYS C 574 -22.19 18.64 -23.51
N HIS C 575 -22.51 18.16 -22.30
CA HIS C 575 -21.82 17.04 -21.67
C HIS C 575 -21.90 15.73 -22.51
N GLU C 576 -23.06 15.43 -23.12
CA GLU C 576 -23.22 14.20 -23.94
C GLU C 576 -22.38 14.29 -25.21
N GLU C 577 -22.19 15.50 -25.73
CA GLU C 577 -21.40 15.76 -26.91
C GLU C 577 -19.91 15.51 -26.60
N ILE C 578 -19.45 15.98 -25.42
CA ILE C 578 -18.06 15.81 -24.96
C ILE C 578 -17.80 14.31 -24.84
N LYS C 579 -18.71 13.56 -24.15
CA LYS C 579 -18.60 12.10 -23.97
C LYS C 579 -18.54 11.39 -25.30
N GLU C 580 -19.57 11.58 -26.16
CA GLU C 580 -19.68 10.97 -27.47
C GLU C 580 -18.40 11.19 -28.32
N LYS C 581 -17.93 12.46 -28.40
CA LYS C 581 -16.75 12.81 -29.19
C LYS C 581 -15.50 12.16 -28.63
N ALA C 582 -15.39 12.07 -27.27
CA ALA C 582 -14.25 11.48 -26.56
C ALA C 582 -14.17 9.98 -26.80
N LEU C 583 -15.32 9.29 -26.69
CA LEU C 583 -15.45 7.85 -26.90
C LEU C 583 -15.12 7.48 -28.36
N LYS C 584 -15.51 8.37 -29.29
CA LYS C 584 -15.25 8.25 -30.73
C LYS C 584 -13.78 8.45 -30.98
N PHE C 585 -13.18 9.42 -30.24
CA PHE C 585 -11.76 9.77 -30.33
C PHE C 585 -10.84 8.60 -29.91
N VAL C 586 -11.14 7.92 -28.80
CA VAL C 586 -10.33 6.79 -28.31
C VAL C 586 -10.42 5.62 -29.31
N GLU C 587 -11.64 5.35 -29.83
CA GLU C 587 -11.92 4.32 -30.82
C GLU C 587 -11.05 4.58 -32.06
N TYR C 588 -10.93 5.87 -32.47
CA TYR C 588 -10.15 6.31 -33.63
C TYR C 588 -8.64 6.18 -33.41
N ILE C 589 -8.12 6.73 -32.30
CA ILE C 589 -6.68 6.74 -32.05
C ILE C 589 -6.12 5.31 -31.95
N ASN C 590 -6.82 4.40 -31.24
CA ASN C 590 -6.43 2.99 -31.06
C ASN C 590 -6.34 2.25 -32.39
N SER C 591 -7.16 2.68 -33.38
CA SER C 591 -7.18 2.14 -34.74
C SER C 591 -6.01 2.65 -35.57
N LYS C 592 -5.41 3.78 -35.17
CA LYS C 592 -4.24 4.36 -35.83
C LYS C 592 -2.91 3.89 -35.17
N LEU C 593 -2.92 3.66 -33.84
CA LEU C 593 -1.75 3.26 -33.09
C LEU C 593 -1.46 1.78 -33.29
N PRO C 594 -0.20 1.41 -33.68
CA PRO C 594 0.12 0.00 -33.95
C PRO C 594 0.19 -0.92 -32.72
N GLY C 595 -0.14 -2.18 -32.97
CA GLY C 595 -0.06 -3.22 -31.96
C GLY C 595 -0.99 -3.10 -30.78
N LEU C 596 -0.42 -3.38 -29.59
CA LEU C 596 -1.09 -3.37 -28.29
C LEU C 596 -0.97 -1.99 -27.59
N LEU C 597 -0.52 -0.91 -28.33
CA LEU C 597 -0.50 0.48 -27.83
C LEU C 597 -1.96 0.91 -27.65
N GLU C 598 -2.41 1.22 -26.41
CA GLU C 598 -3.82 1.50 -26.24
C GLU C 598 -4.15 2.69 -25.32
N LEU C 599 -5.06 3.55 -25.79
CA LEU C 599 -5.60 4.67 -25.04
C LEU C 599 -6.88 4.20 -24.34
N GLU C 600 -7.12 4.69 -23.14
CA GLU C 600 -8.30 4.26 -22.40
C GLU C 600 -9.11 5.44 -21.88
N TYR C 601 -10.45 5.36 -22.04
CA TYR C 601 -11.38 6.37 -21.53
C TYR C 601 -11.65 6.00 -20.11
N GLU C 602 -11.09 6.77 -19.17
CA GLU C 602 -11.22 6.50 -17.75
C GLU C 602 -12.58 7.00 -17.20
N GLY C 603 -13.00 8.22 -17.57
CA GLY C 603 -14.27 8.71 -17.09
C GLY C 603 -14.62 10.12 -17.44
N PHE C 604 -15.70 10.60 -16.82
CA PHE C 604 -16.25 11.94 -17.03
C PHE C 604 -16.54 12.61 -15.70
N TYR C 605 -16.31 13.94 -15.64
CA TYR C 605 -16.51 14.75 -14.45
C TYR C 605 -17.26 15.99 -14.80
N ALA C 606 -18.23 16.36 -13.93
CA ALA C 606 -19.09 17.52 -14.10
C ALA C 606 -18.25 18.80 -14.01
N ARG C 607 -17.29 18.84 -13.04
CA ARG C 607 -16.37 19.97 -12.79
C ARG C 607 -15.03 19.47 -12.31
N GLY C 608 -14.06 20.37 -12.30
CA GLY C 608 -12.71 20.07 -11.84
C GLY C 608 -11.73 21.20 -12.02
N PHE C 609 -10.69 21.20 -11.20
CA PHE C 609 -9.61 22.19 -11.22
C PHE C 609 -8.30 21.46 -10.97
N PHE C 610 -7.19 22.02 -11.48
CA PHE C 610 -5.84 21.41 -11.45
C PHE C 610 -4.81 22.40 -10.92
N VAL C 611 -4.04 21.99 -9.88
CA VAL C 611 -3.05 22.86 -9.23
C VAL C 611 -1.64 22.68 -9.86
N THR C 612 -1.09 21.44 -9.85
CA THR C 612 0.18 21.00 -10.47
C THR C 612 0.07 19.52 -10.74
N LYS C 613 1.21 18.86 -11.03
CA LYS C 613 1.32 17.43 -11.29
C LYS C 613 0.80 16.69 -10.07
N LYS C 614 -0.22 15.86 -10.28
CA LYS C 614 -0.87 14.96 -9.32
C LYS C 614 -1.49 15.69 -8.11
N LYS C 615 -1.88 16.98 -8.33
CA LYS C 615 -2.54 17.88 -7.38
C LYS C 615 -3.70 18.50 -8.11
N TYR C 616 -4.89 17.91 -7.92
CA TYR C 616 -6.13 18.35 -8.59
C TYR C 616 -7.35 17.83 -7.83
N ALA C 617 -8.53 18.30 -8.21
CA ALA C 617 -9.82 17.93 -7.59
C ALA C 617 -10.92 17.98 -8.62
N LEU C 618 -11.78 16.99 -8.63
CA LEU C 618 -12.86 16.85 -9.58
C LEU C 618 -14.14 16.45 -8.87
N ILE C 619 -15.27 16.52 -9.55
CA ILE C 619 -16.57 16.09 -9.03
C ILE C 619 -17.31 15.35 -10.17
N ASP C 620 -17.80 14.14 -9.92
CA ASP C 620 -18.47 13.41 -10.99
C ASP C 620 -19.94 13.87 -11.11
N GLU C 621 -20.71 13.27 -12.03
CA GLU C 621 -22.11 13.62 -12.28
C GLU C 621 -23.04 13.19 -11.14
N GLU C 622 -22.56 12.33 -10.23
CA GLU C 622 -23.35 11.84 -9.08
C GLU C 622 -23.08 12.71 -7.84
N GLY C 623 -22.17 13.68 -7.96
CA GLY C 623 -21.77 14.57 -6.88
C GLY C 623 -20.65 14.07 -5.99
N LYS C 624 -19.89 13.03 -6.40
CA LYS C 624 -18.78 12.50 -5.60
C LYS C 624 -17.52 13.25 -5.95
N ILE C 625 -16.85 13.81 -4.92
CA ILE C 625 -15.59 14.59 -5.09
C ILE C 625 -14.40 13.65 -5.04
N VAL C 626 -13.55 13.71 -6.09
CA VAL C 626 -12.31 12.91 -6.23
C VAL C 626 -11.13 13.89 -6.29
N THR C 627 -10.15 13.75 -5.38
CA THR C 627 -8.99 14.64 -5.34
C THR C 627 -7.72 13.82 -5.35
N ARG C 628 -6.61 14.46 -5.67
CA ARG C 628 -5.29 13.86 -5.60
C ARG C 628 -4.33 14.91 -5.06
N GLY C 629 -3.57 14.53 -4.03
CA GLY C 629 -2.52 15.32 -3.40
C GLY C 629 -2.89 16.68 -2.87
N LEU C 630 -4.14 16.82 -2.32
CA LEU C 630 -4.63 18.08 -1.75
C LEU C 630 -5.28 17.96 -0.38
N GLU C 631 -6.14 16.96 -0.15
CA GLU C 631 -6.88 16.81 1.11
C GLU C 631 -5.99 16.40 2.29
N ILE C 632 -6.35 16.97 3.46
CA ILE C 632 -5.66 16.84 4.76
C ILE C 632 -6.55 16.14 5.81
N VAL C 633 -7.31 15.11 5.41
CA VAL C 633 -8.16 14.40 6.38
C VAL C 633 -7.27 13.42 7.18
N ARG C 634 -6.56 13.95 8.18
CA ARG C 634 -5.70 13.18 9.08
C ARG C 634 -5.80 13.77 10.52
N ARG C 635 -5.54 12.97 11.55
CA ARG C 635 -5.74 13.41 12.94
C ARG C 635 -4.74 14.44 13.38
N ASP C 636 -3.59 14.59 12.67
CA ASP C 636 -2.56 15.56 13.03
C ASP C 636 -2.82 16.98 12.44
N TRP C 637 -4.01 17.19 11.83
CA TRP C 637 -4.50 18.48 11.35
C TRP C 637 -5.72 18.81 12.16
N SER C 638 -5.89 20.07 12.61
CA SER C 638 -7.05 20.48 13.41
C SER C 638 -8.36 20.42 12.61
N GLU C 639 -9.51 20.25 13.31
CA GLU C 639 -10.83 20.22 12.67
C GLU C 639 -11.12 21.52 11.92
N ILE C 640 -10.72 22.67 12.48
CA ILE C 640 -10.95 23.96 11.83
C ILE C 640 -10.30 24.01 10.40
N ALA C 641 -9.11 23.41 10.24
CA ALA C 641 -8.41 23.36 8.95
C ALA C 641 -9.07 22.36 7.99
N LYS C 642 -9.51 21.21 8.52
CA LYS C 642 -10.15 20.14 7.76
C LYS C 642 -11.53 20.58 7.30
N GLU C 643 -12.35 21.14 8.23
CA GLU C 643 -13.68 21.73 8.01
C GLU C 643 -13.59 22.86 6.95
N THR C 644 -12.66 23.82 7.11
CA THR C 644 -12.48 24.92 6.16
C THR C 644 -12.11 24.39 4.77
N GLN C 645 -11.17 23.43 4.70
CA GLN C 645 -10.77 22.89 3.41
C GLN C 645 -11.95 22.19 2.72
N ALA C 646 -12.76 21.35 3.45
CA ALA C 646 -13.91 20.65 2.90
C ALA C 646 -14.93 21.64 2.32
N LYS C 647 -15.16 22.75 3.07
CA LYS C 647 -16.05 23.85 2.74
C LYS C 647 -15.56 24.59 1.50
N VAL C 648 -14.22 24.80 1.36
CA VAL C 648 -13.59 25.43 0.18
C VAL C 648 -13.80 24.53 -1.08
N LEU C 649 -13.49 23.25 -0.96
CA LEU C 649 -13.70 22.27 -2.03
C LEU C 649 -15.20 22.15 -2.42
N GLU C 650 -16.11 22.19 -1.43
CA GLU C 650 -17.53 22.10 -1.71
C GLU C 650 -18.01 23.35 -2.43
N ALA C 651 -17.53 24.54 -2.03
CA ALA C 651 -17.90 25.82 -2.64
C ALA C 651 -17.48 25.82 -4.09
N ILE C 652 -16.27 25.28 -4.38
CA ILE C 652 -15.75 25.26 -5.72
C ILE C 652 -16.43 24.19 -6.57
N LEU C 653 -16.43 22.93 -6.09
CA LEU C 653 -16.94 21.82 -6.87
C LEU C 653 -18.47 21.67 -6.85
N LYS C 654 -19.12 21.81 -5.68
CA LYS C 654 -20.57 21.65 -5.60
C LYS C 654 -21.33 22.95 -5.97
N HIS C 655 -20.76 24.12 -5.66
CA HIS C 655 -21.44 25.38 -5.94
C HIS C 655 -20.88 26.12 -7.17
N GLY C 656 -19.70 25.67 -7.66
CA GLY C 656 -19.02 26.27 -8.81
C GLY C 656 -18.65 27.70 -8.53
N ASN C 657 -18.33 27.98 -7.27
CA ASN C 657 -18.12 29.33 -6.73
C ASN C 657 -16.79 29.49 -5.92
N VAL C 658 -15.76 30.02 -6.59
CA VAL C 658 -14.43 30.25 -5.99
C VAL C 658 -14.49 31.53 -5.12
N ASP C 659 -15.39 32.47 -5.46
CA ASP C 659 -15.58 33.67 -4.65
C ASP C 659 -16.16 33.29 -3.28
N GLU C 660 -17.03 32.27 -3.24
CA GLU C 660 -17.61 31.76 -1.99
C GLU C 660 -16.54 31.14 -1.12
N ALA C 661 -15.62 30.34 -1.75
CA ALA C 661 -14.51 29.66 -1.07
C ALA C 661 -13.57 30.67 -0.43
N VAL C 662 -13.23 31.75 -1.16
CA VAL C 662 -12.36 32.82 -0.64
C VAL C 662 -13.03 33.53 0.57
N LYS C 663 -14.35 33.77 0.48
CA LYS C 663 -15.09 34.41 1.57
C LYS C 663 -15.15 33.51 2.81
N ILE C 664 -15.26 32.17 2.62
CA ILE C 664 -15.28 31.17 3.71
C ILE C 664 -13.96 31.30 4.54
N VAL C 665 -12.78 31.34 3.83
CA VAL C 665 -11.45 31.44 4.43
C VAL C 665 -11.29 32.77 5.20
N LYS C 666 -11.67 33.89 4.58
CA LYS C 666 -11.60 35.22 5.20
C LYS C 666 -12.43 35.30 6.47
N GLU C 667 -13.61 34.63 6.48
CA GLU C 667 -14.51 34.57 7.63
C GLU C 667 -13.92 33.71 8.74
N VAL C 668 -13.41 32.52 8.40
CA VAL C 668 -12.81 31.61 9.40
C VAL C 668 -11.60 32.27 10.08
N THR C 669 -10.68 32.89 9.29
CA THR C 669 -9.47 33.53 9.83
C THR C 669 -9.82 34.69 10.76
N GLU C 670 -10.87 35.51 10.42
CA GLU C 670 -11.31 36.63 11.25
C GLU C 670 -11.89 36.11 12.55
N LYS C 671 -12.68 35.02 12.47
CA LYS C 671 -13.30 34.34 13.61
C LYS C 671 -12.21 33.78 14.53
N LEU C 672 -11.08 33.24 13.96
CA LEU C 672 -9.94 32.77 14.76
C LEU C 672 -9.29 33.96 15.50
N SER C 673 -9.12 35.10 14.80
CA SER C 673 -8.55 36.34 15.35
C SER C 673 -9.32 36.87 16.53
N LYS C 674 -10.67 36.74 16.48
CA LYS C 674 -11.62 37.27 17.45
C LYS C 674 -12.03 36.25 18.53
N TYR C 675 -11.36 35.07 18.54
CA TYR C 675 -11.55 33.95 19.50
C TYR C 675 -13.00 33.47 19.49
N GLU C 676 -13.54 33.31 18.27
CA GLU C 676 -14.92 32.91 17.99
C GLU C 676 -15.01 31.43 17.54
N ILE C 677 -13.86 30.74 17.51
CA ILE C 677 -13.80 29.34 17.11
C ILE C 677 -13.71 28.47 18.38
N PRO C 678 -14.57 27.41 18.49
CA PRO C 678 -14.55 26.57 19.69
C PRO C 678 -13.23 25.84 19.86
N PRO C 679 -12.64 25.78 21.08
CA PRO C 679 -11.36 25.09 21.27
C PRO C 679 -11.32 23.64 20.81
N GLU C 680 -12.47 22.92 20.86
CA GLU C 680 -12.57 21.51 20.43
C GLU C 680 -12.18 21.34 18.95
N LYS C 681 -12.34 22.40 18.13
CA LYS C 681 -11.99 22.37 16.73
C LYS C 681 -10.50 22.71 16.48
N LEU C 682 -9.74 22.95 17.58
CA LEU C 682 -8.32 23.33 17.46
C LEU C 682 -7.33 22.25 17.92
N VAL C 683 -7.84 21.11 18.35
CA VAL C 683 -7.05 20.02 18.88
C VAL C 683 -6.26 19.33 17.77
N ILE C 684 -4.97 19.04 18.05
CA ILE C 684 -4.06 18.30 17.18
C ILE C 684 -3.76 17.00 17.86
N TYR C 685 -3.76 15.89 17.10
CA TYR C 685 -3.49 14.58 17.66
C TYR C 685 -2.28 14.00 17.00
N GLU C 686 -1.33 13.52 17.81
CA GLU C 686 -0.08 12.89 17.35
C GLU C 686 0.31 11.81 18.33
N GLN C 687 0.66 10.64 17.79
CA GLN C 687 1.06 9.45 18.53
C GLN C 687 2.49 9.55 19.04
N ILE C 688 2.75 9.01 20.27
CA ILE C 688 4.06 8.77 20.89
C ILE C 688 4.48 7.40 20.31
N THR C 689 5.66 7.29 19.68
CA THR C 689 6.10 6.06 19.04
C THR C 689 7.33 5.41 19.71
N ARG C 690 7.92 6.08 20.71
CA ARG C 690 9.15 5.66 21.42
C ARG C 690 9.12 5.96 22.89
N PRO C 691 10.06 5.40 23.70
CA PRO C 691 10.22 5.91 25.06
C PRO C 691 10.64 7.38 24.96
N LEU C 692 10.09 8.25 25.81
CA LEU C 692 10.29 9.71 25.71
C LEU C 692 11.76 10.19 25.62
N SER C 693 12.69 9.48 26.27
CA SER C 693 14.11 9.81 26.25
C SER C 693 14.76 9.54 24.89
N GLU C 694 14.11 8.72 24.02
CA GLU C 694 14.63 8.37 22.69
C GLU C 694 14.45 9.50 21.64
N TYR C 695 13.69 10.56 21.97
CA TYR C 695 13.47 11.62 21.01
C TYR C 695 14.70 12.52 20.88
N LYS C 696 15.01 12.90 19.64
CA LYS C 696 16.13 13.75 19.23
C LYS C 696 15.61 15.19 19.02
N ALA C 697 14.36 15.31 18.50
CA ALA C 697 13.67 16.59 18.30
C ALA C 697 12.36 16.55 19.09
N ILE C 698 12.18 17.51 19.99
CA ILE C 698 11.01 17.56 20.85
C ILE C 698 9.91 18.45 20.21
N GLY C 699 9.03 17.82 19.44
CA GLY C 699 7.86 18.46 18.84
C GLY C 699 6.80 18.75 19.90
N PRO C 700 5.76 19.58 19.57
CA PRO C 700 4.75 19.93 20.58
C PRO C 700 4.13 18.74 21.34
N HIS C 701 3.79 17.62 20.65
CA HIS C 701 3.17 16.45 21.28
C HIS C 701 4.09 15.79 22.30
N VAL C 702 5.43 15.86 22.09
CA VAL C 702 6.47 15.27 22.96
C VAL C 702 6.70 16.14 24.19
N ALA C 703 6.65 17.48 23.99
CA ALA C 703 6.81 18.44 25.07
C ALA C 703 5.67 18.28 26.04
N VAL C 704 4.44 18.09 25.51
CA VAL C 704 3.20 17.87 26.28
C VAL C 704 3.27 16.51 27.01
N ALA C 705 3.75 15.46 26.32
CA ALA C 705 3.92 14.11 26.83
C ALA C 705 4.92 14.06 28.00
N LYS C 706 6.03 14.80 27.91
CA LYS C 706 7.06 14.85 28.97
C LYS C 706 6.46 15.43 30.27
N ARG C 707 5.62 16.48 30.15
CA ARG C 707 4.93 17.13 31.27
C ARG C 707 3.95 16.14 31.93
N LEU C 708 3.24 15.31 31.12
CA LEU C 708 2.30 14.28 31.60
C LEU C 708 3.05 13.19 32.39
N ALA C 709 4.16 12.69 31.85
CA ALA C 709 5.01 11.70 32.47
C ALA C 709 5.52 12.19 33.83
N ALA C 710 5.95 13.49 33.87
CA ALA C 710 6.44 14.14 35.08
C ALA C 710 5.36 14.18 36.13
N LYS C 711 4.08 14.25 35.73
CA LYS C 711 2.91 14.31 36.62
C LYS C 711 2.49 12.91 37.15
N GLY C 712 3.12 11.86 36.62
CA GLY C 712 2.85 10.47 37.00
C GLY C 712 2.13 9.65 35.93
N VAL C 713 1.86 10.26 34.77
CA VAL C 713 1.16 9.55 33.71
C VAL C 713 2.14 8.50 33.06
N LYS C 714 1.64 7.28 32.83
CA LYS C 714 2.42 6.20 32.21
C LYS C 714 2.47 6.41 30.71
N VAL C 715 3.40 7.24 30.22
CA VAL C 715 3.47 7.51 28.76
C VAL C 715 4.21 6.35 28.04
N LYS C 716 3.52 5.72 27.06
CA LYS C 716 4.04 4.55 26.36
C LYS C 716 3.84 4.66 24.87
N PRO C 717 4.67 4.01 24.01
CA PRO C 717 4.45 4.08 22.56
C PRO C 717 3.05 3.57 22.19
N GLY C 718 2.34 4.36 21.40
CA GLY C 718 0.98 4.05 21.01
C GLY C 718 -0.01 5.05 21.55
N MET C 719 0.36 5.79 22.60
CA MET C 719 -0.47 6.83 23.21
C MET C 719 -0.59 8.00 22.24
N VAL C 720 -1.81 8.47 22.03
CA VAL C 720 -2.08 9.58 21.11
C VAL C 720 -2.29 10.85 21.93
N ILE C 721 -1.45 11.87 21.70
CA ILE C 721 -1.49 13.13 22.44
C ILE C 721 -2.33 14.20 21.72
N GLY C 722 -3.35 14.67 22.42
CA GLY C 722 -4.21 15.75 21.97
C GLY C 722 -3.74 17.03 22.61
N TYR C 723 -3.42 18.03 21.78
CA TYR C 723 -2.96 19.32 22.32
C TYR C 723 -3.52 20.53 21.54
N ILE C 724 -3.48 21.70 22.18
CA ILE C 724 -3.87 23.00 21.64
C ILE C 724 -2.64 23.91 21.80
N VAL C 725 -2.33 24.69 20.75
CA VAL C 725 -1.24 25.64 20.71
C VAL C 725 -1.75 26.98 21.26
N LEU C 726 -1.10 27.45 22.34
CA LEU C 726 -1.47 28.68 23.01
C LEU C 726 -0.62 29.85 22.54
N ARG C 727 -1.14 31.06 22.77
CA ARG C 727 -0.53 32.35 22.46
C ARG C 727 0.75 32.50 23.31
N GLY C 728 1.79 33.07 22.72
CA GLY C 728 3.05 33.31 23.40
C GLY C 728 4.24 33.45 22.49
N ASP C 729 5.43 33.64 23.09
CA ASP C 729 6.68 33.75 22.36
C ASP C 729 7.41 32.41 22.38
N GLY C 730 8.14 32.15 21.30
CA GLY C 730 8.94 30.94 21.13
C GLY C 730 8.38 29.95 20.12
N PRO C 731 9.01 28.76 20.03
CA PRO C 731 8.49 27.72 19.13
C PRO C 731 7.22 27.13 19.73
N ILE C 732 6.41 26.49 18.87
CA ILE C 732 5.10 25.99 19.25
C ILE C 732 5.18 24.96 20.38
N SER C 733 6.27 24.17 20.47
CA SER C 733 6.48 23.13 21.47
C SER C 733 6.41 23.65 22.92
N LYS C 734 6.92 24.86 23.13
CA LYS C 734 6.93 25.47 24.45
C LYS C 734 5.54 26.05 24.80
N ARG C 735 4.68 26.24 23.78
CA ARG C 735 3.35 26.83 23.91
C ARG C 735 2.19 25.85 23.70
N ALA C 736 2.49 24.56 23.59
CA ALA C 736 1.44 23.58 23.44
C ALA C 736 0.99 23.08 24.79
N ILE C 737 -0.34 22.88 24.97
CA ILE C 737 -0.96 22.39 26.20
C ILE C 737 -1.81 21.14 25.92
N ALA C 738 -1.79 20.16 26.85
CA ALA C 738 -2.64 18.97 26.80
C ALA C 738 -4.11 19.42 26.82
N ILE C 739 -4.97 18.85 25.95
CA ILE C 739 -6.39 19.24 25.84
C ILE C 739 -7.14 19.19 27.18
N GLU C 740 -6.87 18.15 28.00
CA GLU C 740 -7.52 17.97 29.29
C GLU C 740 -7.17 19.14 30.24
N GLU C 741 -6.01 19.81 30.05
CA GLU C 741 -5.56 20.96 30.87
C GLU C 741 -6.06 22.30 30.32
N PHE C 742 -6.52 22.34 29.04
CA PHE C 742 -7.03 23.58 28.47
C PHE C 742 -8.33 24.02 29.20
N ASP C 743 -8.30 25.24 29.69
CA ASP C 743 -9.37 25.95 30.38
C ASP C 743 -9.69 27.19 29.54
N PRO C 744 -10.92 27.31 28.96
CA PRO C 744 -11.22 28.47 28.08
C PRO C 744 -11.13 29.83 28.78
N LYS C 745 -11.33 29.84 30.11
CA LYS C 745 -11.26 31.05 30.91
C LYS C 745 -9.79 31.48 31.09
N LYS C 746 -8.91 30.57 31.51
CA LYS C 746 -7.50 30.88 31.75
C LYS C 746 -6.67 30.98 30.46
N HIS C 747 -6.79 30.01 29.54
CA HIS C 747 -5.92 29.94 28.36
C HIS C 747 -6.47 30.64 27.12
N LYS C 748 -5.55 31.13 26.28
CA LYS C 748 -5.86 31.80 25.03
C LYS C 748 -5.09 31.11 23.92
N TYR C 749 -5.81 30.53 22.94
CA TYR C 749 -5.15 29.84 21.83
C TYR C 749 -4.39 30.83 20.91
N ASP C 750 -3.45 30.30 20.11
CA ASP C 750 -2.67 31.13 19.19
C ASP C 750 -3.40 31.23 17.87
N ALA C 751 -4.13 32.36 17.66
CA ALA C 751 -4.91 32.62 16.43
C ALA C 751 -3.98 32.70 15.22
N GLU C 752 -2.78 33.30 15.37
CA GLU C 752 -1.77 33.43 14.31
C GLU C 752 -1.34 32.04 13.86
N TYR C 753 -1.10 31.09 14.80
CA TYR C 753 -0.75 29.72 14.47
C TYR C 753 -1.89 29.01 13.70
N TYR C 754 -3.16 29.19 14.15
CA TYR C 754 -4.28 28.49 13.51
C TYR C 754 -4.60 29.07 12.14
N ILE C 755 -4.32 30.37 11.94
CA ILE C 755 -4.51 31.05 10.66
C ILE C 755 -3.39 30.62 9.70
N GLU C 756 -2.13 30.89 10.08
CA GLU C 756 -0.93 30.70 9.24
C GLU C 756 -0.39 29.28 9.12
N ASN C 757 -0.54 28.44 10.14
CA ASN C 757 0.05 27.11 10.09
C ASN C 757 -0.99 26.02 9.94
N GLN C 758 -2.29 26.35 10.09
CA GLN C 758 -3.34 25.35 9.93
C GLN C 758 -4.26 25.69 8.76
N VAL C 759 -5.12 26.72 8.90
CA VAL C 759 -6.16 27.04 7.91
C VAL C 759 -5.61 27.48 6.54
N LEU C 760 -4.69 28.47 6.48
CA LEU C 760 -4.18 28.94 5.20
C LEU C 760 -3.40 27.85 4.44
N PRO C 761 -2.48 27.03 5.05
CA PRO C 761 -1.80 25.98 4.29
C PRO C 761 -2.77 24.94 3.72
N ALA C 762 -3.86 24.64 4.44
CA ALA C 762 -4.88 23.69 4.02
C ALA C 762 -5.57 24.12 2.72
N VAL C 763 -5.78 25.44 2.53
CA VAL C 763 -6.53 25.99 1.39
C VAL C 763 -5.67 26.74 0.35
N GLU C 764 -4.44 27.19 0.70
CA GLU C 764 -3.61 27.97 -0.21
C GLU C 764 -3.26 27.22 -1.50
N ARG C 765 -3.04 25.87 -1.45
CA ARG C 765 -2.69 25.08 -2.66
C ARG C 765 -3.90 25.07 -3.64
N ILE C 766 -5.12 24.81 -3.12
CA ILE C 766 -6.37 24.80 -3.88
C ILE C 766 -6.59 26.14 -4.53
N LEU C 767 -6.51 27.23 -3.75
CA LEU C 767 -6.84 28.56 -4.23
C LEU C 767 -5.79 29.16 -5.17
N ARG C 768 -4.55 28.64 -5.17
CA ARG C 768 -3.48 29.02 -6.10
C ARG C 768 -3.91 28.76 -7.56
N ALA C 769 -4.77 27.74 -7.79
CA ALA C 769 -5.28 27.34 -9.11
C ALA C 769 -6.20 28.39 -9.69
N PHE C 770 -6.55 29.41 -8.88
CA PHE C 770 -7.49 30.48 -9.24
C PHE C 770 -6.86 31.88 -9.14
N GLY C 771 -5.56 31.93 -8.85
CA GLY C 771 -4.75 33.15 -8.82
C GLY C 771 -4.61 33.83 -7.50
N TYR C 772 -4.94 33.15 -6.39
CA TYR C 772 -4.84 33.75 -5.07
C TYR C 772 -3.55 33.31 -4.39
N ARG C 773 -2.95 34.23 -3.65
CA ARG C 773 -1.78 33.97 -2.83
C ARG C 773 -2.27 33.95 -1.38
N LYS C 774 -1.52 33.32 -0.46
CA LYS C 774 -1.84 33.25 0.98
C LYS C 774 -2.40 34.58 1.50
N GLU C 775 -1.75 35.71 1.14
CA GLU C 775 -2.12 37.08 1.54
C GLU C 775 -3.55 37.51 1.13
N ASP C 776 -4.08 36.99 0.00
CA ASP C 776 -5.41 37.34 -0.52
C ASP C 776 -6.55 36.68 0.27
N LEU C 777 -6.25 35.69 1.12
CA LEU C 777 -7.26 34.92 1.85
C LEU C 777 -7.61 35.45 3.30
N LYS C 778 -7.31 36.72 3.62
CA LYS C 778 -7.65 37.41 4.90
C LYS C 778 -8.24 38.79 4.62
N TYR C 779 -8.75 39.53 5.65
CA TYR C 779 -9.25 40.88 5.37
C TYR C 779 -8.08 41.88 5.45
#